data_4ABN
#
_entry.id   4ABN
#
_cell.length_a   39.924
_cell.length_b   91.570
_cell.length_c   138.614
_cell.angle_alpha   90.00
_cell.angle_beta   93.06
_cell.angle_gamma   90.00
#
_symmetry.space_group_name_H-M   'P 1 21 1'
#
loop_
_entity.id
_entity.type
_entity.pdbx_description
1 polymer 'TETRATRICOPEPTIDE REPEAT PROTEIN 5'
2 non-polymer 1,2-ETHANEDIOL
3 water water
#
_entity_poly.entity_id   1
_entity_poly.type   'polypeptide(L)'
_entity_poly.pdbx_seq_one_letter_code
;MGSSHHHHHHSSGLVPRGSHMASMTGGQQMGRGSMMADEEEEAKHVLQKLQGLVDRLYCFRDSYFETHSVEDAGRKQQDV
QEEMEKTLQQMEEVLGSAQVEAQALMLKGKALNVTPDYSPEAEVLLSKAVKLEPELVEAWNQLGEVYWKKGDVTSAHTCF
SGALTHCKNKVSLQNLSMVLRQLQTDSGDEHSRHVMDSVRQAKLAVQMDVLDGRSWYILGNAYLSLYFNTGQNPKISQQA
LSAYAQAEKVDRKASSNPDLHLNRATLHKYEESYGEALEGFSQAAALDPAWPEPQQREQQLLEFLSRLTSLLESKGKTKP
KKLQSMLGSLRPAHLGPCGDGRYQSASGQKMTLELKPLSTLQPGVNSGTVVLGKVVFSLTTEEKVPFTFGLVDSDGPCYA
VMVYNVVQSWGVLIGDSVAIPEPNLRHHQIRHKGKDYSFSSVRVETPLLLVVNGKPQNSSSQASATVASRPQCE
;
_entity_poly.pdbx_strand_id   A,B
#
# COMPACT_ATOMS: atom_id res chain seq x y z
N ASP A 38 26.39 -8.38 26.67
CA ASP A 38 25.61 -9.41 27.43
C ASP A 38 24.31 -8.84 28.00
N GLU A 39 24.34 -7.59 28.47
CA GLU A 39 23.14 -6.95 29.03
C GLU A 39 22.00 -6.85 27.99
N GLU A 40 22.36 -6.61 26.72
CA GLU A 40 21.38 -6.50 25.63
C GLU A 40 20.68 -7.81 25.32
N GLU A 41 21.49 -8.86 25.14
CA GLU A 41 20.94 -10.19 24.89
C GLU A 41 20.08 -10.65 26.08
N GLU A 42 20.60 -10.42 27.29
CA GLU A 42 19.84 -10.65 28.52
C GLU A 42 18.49 -9.92 28.52
N ALA A 43 18.48 -8.62 28.19
CA ALA A 43 17.21 -7.86 28.19
C ALA A 43 16.27 -8.39 27.11
N LYS A 44 16.82 -8.82 25.98
CA LYS A 44 16.00 -9.35 24.90
C LYS A 44 15.41 -10.71 25.28
N HIS A 45 16.24 -11.54 25.91
CA HIS A 45 15.78 -12.83 26.37
C HIS A 45 14.67 -12.66 27.41
N VAL A 46 14.84 -11.71 28.32
CA VAL A 46 13.80 -11.41 29.31
C VAL A 46 12.48 -10.97 28.64
N LEU A 47 12.56 -10.09 27.64
CA LEU A 47 11.37 -9.65 26.90
C LEU A 47 10.67 -10.81 26.21
N GLN A 48 11.43 -11.71 25.60
CA GLN A 48 10.84 -12.85 24.91
C GLN A 48 10.14 -13.77 25.89
N LYS A 49 10.74 -14.02 27.06
CA LYS A 49 10.06 -14.79 28.11
C LYS A 49 8.78 -14.10 28.56
N LEU A 50 8.82 -12.77 28.75
CA LEU A 50 7.63 -12.03 29.14
C LEU A 50 6.56 -12.12 28.06
N GLN A 51 6.96 -11.96 26.79
CA GLN A 51 6.01 -12.02 25.72
C GLN A 51 5.32 -13.40 25.70
N GLY A 52 6.10 -14.46 25.80
CA GLY A 52 5.54 -15.79 25.82
C GLY A 52 4.51 -15.97 26.93
N LEU A 53 4.87 -15.56 28.14
CA LEU A 53 3.95 -15.70 29.26
C LEU A 53 2.64 -15.03 28.93
N VAL A 54 2.68 -13.80 28.44
CA VAL A 54 1.43 -13.08 28.15
C VAL A 54 0.69 -13.68 26.96
N ASP A 55 1.39 -14.12 25.93
CA ASP A 55 0.75 -14.72 24.79
C ASP A 55 -0.01 -15.99 25.20
N ARG A 56 0.60 -16.80 26.07
CA ARG A 56 -0.04 -18.03 26.53
C ARG A 56 -1.23 -17.72 27.41
N LEU A 57 -1.15 -16.64 28.20
CA LEU A 57 -2.23 -16.29 29.03
C LEU A 57 -3.43 -15.91 28.13
N TYR A 58 -3.20 -15.12 27.09
CA TYR A 58 -4.28 -14.71 26.25
C TYR A 58 -4.84 -15.89 25.43
N CYS A 59 -3.98 -16.81 25.02
CA CYS A 59 -4.46 -18.02 24.35
C CYS A 59 -5.29 -18.92 25.30
N PHE A 60 -4.88 -18.99 26.56
CA PHE A 60 -5.70 -19.67 27.57
C PHE A 60 -7.12 -19.14 27.56
N ARG A 61 -7.25 -17.81 27.53
CA ARG A 61 -8.56 -17.18 27.59
C ARG A 61 -9.28 -17.34 26.24
N ASP A 62 -8.60 -16.94 25.16
CA ASP A 62 -9.21 -16.96 23.85
C ASP A 62 -9.66 -18.31 23.36
N SER A 63 -8.94 -19.36 23.74
CA SER A 63 -9.18 -20.75 23.39
C SER A 63 -9.88 -21.57 24.45
N TYR A 64 -10.31 -20.94 25.51
CA TYR A 64 -10.94 -21.64 26.62
C TYR A 64 -11.94 -22.71 26.20
N PHE A 65 -12.83 -22.37 25.26
CA PHE A 65 -13.84 -23.34 24.84
C PHE A 65 -13.36 -24.32 23.77
N GLU A 66 -12.13 -24.22 23.28
CA GLU A 66 -11.54 -25.32 22.52
C GLU A 66 -11.14 -26.47 23.44
N THR A 67 -10.75 -26.16 24.70
CA THR A 67 -10.25 -27.18 25.63
C THR A 67 -11.19 -27.50 26.79
N HIS A 68 -12.26 -26.73 26.93
CA HIS A 68 -13.27 -26.92 27.98
C HIS A 68 -14.63 -27.01 27.33
N SER A 69 -15.57 -27.74 27.94
CA SER A 69 -16.95 -27.81 27.46
C SER A 69 -17.72 -26.57 27.88
N VAL A 70 -18.83 -26.32 27.19
CA VAL A 70 -19.70 -25.19 27.50
C VAL A 70 -20.36 -25.38 28.87
N GLU A 71 -20.45 -26.62 29.31
CA GLU A 71 -20.86 -26.92 30.67
C GLU A 71 -19.91 -26.27 31.69
N ASP A 72 -18.64 -26.12 31.36
CA ASP A 72 -17.68 -25.46 32.26
C ASP A 72 -17.65 -23.95 32.11
N ALA A 73 -18.61 -23.35 31.37
CA ALA A 73 -18.57 -21.89 31.14
C ALA A 73 -18.58 -21.08 32.41
N GLY A 74 -19.31 -21.53 33.40
CA GLY A 74 -19.32 -20.86 34.70
C GLY A 74 -17.95 -20.70 35.33
N ARG A 75 -16.98 -21.49 34.91
CA ARG A 75 -15.68 -21.50 35.59
C ARG A 75 -14.67 -20.62 34.86
N LYS A 76 -15.01 -20.16 33.65
CA LYS A 76 -14.06 -19.47 32.81
C LYS A 76 -13.44 -18.24 33.47
N GLN A 77 -14.26 -17.39 34.10
CA GLN A 77 -13.71 -16.13 34.57
C GLN A 77 -12.76 -16.33 35.71
N GLN A 78 -13.11 -17.23 36.62
CA GLN A 78 -12.22 -17.57 37.71
C GLN A 78 -10.95 -18.27 37.20
N ASP A 79 -11.07 -19.19 36.24
CA ASP A 79 -9.87 -19.83 35.68
C ASP A 79 -8.95 -18.79 35.03
N VAL A 80 -9.53 -17.86 34.26
CA VAL A 80 -8.74 -16.78 33.64
C VAL A 80 -8.09 -15.83 34.69
N GLN A 81 -8.82 -15.47 35.73
CA GLN A 81 -8.30 -14.68 36.84
C GLN A 81 -7.08 -15.38 37.47
N GLU A 82 -7.20 -16.68 37.74
CA GLU A 82 -6.11 -17.40 38.38
C GLU A 82 -4.93 -17.64 37.47
N GLU A 83 -5.17 -17.85 36.18
CA GLU A 83 -4.07 -17.90 35.22
C GLU A 83 -3.32 -16.60 35.12
N MET A 84 -4.06 -15.51 35.09
CA MET A 84 -3.47 -14.19 35.12
C MET A 84 -2.55 -14.04 36.35
N GLU A 85 -3.05 -14.38 37.52
CA GLU A 85 -2.26 -14.21 38.76
C GLU A 85 -1.01 -15.07 38.73
N LYS A 86 -1.14 -16.29 38.19
CA LYS A 86 -0.01 -17.20 38.05
C LYS A 86 0.99 -16.62 37.07
N THR A 87 0.50 -16.08 35.97
CA THR A 87 1.30 -15.43 34.94
C THR A 87 2.06 -14.19 35.45
N LEU A 88 1.39 -13.32 36.19
CA LEU A 88 2.04 -12.13 36.79
C LEU A 88 3.14 -12.53 37.77
N GLN A 89 2.91 -13.61 38.50
CA GLN A 89 3.89 -14.15 39.42
C GLN A 89 5.12 -14.60 38.62
N GLN A 90 4.95 -15.38 37.55
CA GLN A 90 6.10 -15.80 36.73
C GLN A 90 6.83 -14.61 36.11
N MET A 91 6.09 -13.63 35.63
CA MET A 91 6.68 -12.44 35.05
C MET A 91 7.58 -11.75 36.07
N GLU A 92 7.09 -11.66 37.30
CA GLU A 92 7.81 -11.01 38.35
C GLU A 92 9.10 -11.79 38.68
N GLU A 93 9.06 -13.12 38.63
CA GLU A 93 10.27 -13.91 38.80
C GLU A 93 11.25 -13.67 37.64
N VAL A 94 10.76 -13.61 36.42
CA VAL A 94 11.62 -13.27 35.29
C VAL A 94 12.29 -11.90 35.42
N LEU A 95 11.57 -10.90 35.92
CA LEU A 95 12.09 -9.53 36.01
C LEU A 95 13.04 -9.31 37.16
N GLY A 96 12.75 -9.95 38.31
CA GLY A 96 13.48 -9.66 39.53
C GLY A 96 13.43 -8.17 39.78
N SER A 97 14.55 -7.59 40.21
CA SER A 97 14.67 -6.14 40.34
C SER A 97 15.14 -5.44 39.05
N ALA A 98 15.21 -6.14 37.93
CA ALA A 98 15.76 -5.53 36.72
C ALA A 98 14.93 -4.32 36.31
N GLN A 99 15.55 -3.42 35.57
CA GLN A 99 14.89 -2.26 35.02
C GLN A 99 13.73 -2.71 34.13
N VAL A 100 12.57 -2.04 34.26
CA VAL A 100 11.40 -2.34 33.49
C VAL A 100 11.25 -1.36 32.32
N GLU A 101 11.62 -1.82 31.12
CA GLU A 101 11.53 -1.02 29.89
C GLU A 101 10.09 -1.01 29.38
N ALA A 102 9.84 -0.15 28.42
CA ALA A 102 8.54 0.15 27.91
C ALA A 102 7.77 -1.12 27.54
N GLN A 103 8.40 -2.02 26.81
CA GLN A 103 7.71 -3.24 26.37
C GLN A 103 7.32 -4.11 27.54
N ALA A 104 8.15 -4.15 28.58
CA ALA A 104 7.87 -4.93 29.76
C ALA A 104 6.69 -4.33 30.54
N LEU A 105 6.64 -3.02 30.68
CA LEU A 105 5.50 -2.33 31.29
C LEU A 105 4.23 -2.65 30.51
N MET A 106 4.31 -2.61 29.20
CA MET A 106 3.19 -2.94 28.35
C MET A 106 2.70 -4.38 28.54
N LEU A 107 3.64 -5.30 28.56
CA LEU A 107 3.29 -6.70 28.71
C LEU A 107 2.66 -6.95 30.05
N LYS A 108 3.11 -6.27 31.10
CA LYS A 108 2.52 -6.51 32.40
C LYS A 108 1.12 -5.90 32.44
N GLY A 109 0.95 -4.71 31.88
CA GLY A 109 -0.35 -4.12 31.83
C GLY A 109 -1.33 -4.92 30.97
N LYS A 110 -0.85 -5.48 29.87
CA LYS A 110 -1.65 -6.37 29.04
C LYS A 110 -2.12 -7.59 29.84
N ALA A 111 -1.23 -8.19 30.65
CA ALA A 111 -1.59 -9.31 31.45
C ALA A 111 -2.69 -8.90 32.45
N LEU A 112 -2.52 -7.75 33.07
CA LEU A 112 -3.50 -7.19 34.03
C LEU A 112 -4.84 -6.85 33.41
N ASN A 113 -4.84 -6.67 32.09
CA ASN A 113 -6.04 -6.33 31.32
C ASN A 113 -6.71 -7.53 30.64
N VAL A 114 -6.34 -8.74 31.04
CA VAL A 114 -6.93 -9.96 30.43
C VAL A 114 -8.36 -10.24 30.88
N THR A 115 -8.78 -9.69 32.02
CA THR A 115 -10.10 -10.01 32.55
C THR A 115 -11.01 -8.89 32.12
N PRO A 116 -12.34 -9.05 32.31
CA PRO A 116 -13.27 -7.99 32.02
C PRO A 116 -13.13 -6.74 32.91
N ASP A 117 -12.46 -6.85 34.03
CA ASP A 117 -12.39 -5.75 35.00
C ASP A 117 -11.38 -4.67 34.65
N TYR A 118 -11.75 -3.43 34.89
CA TYR A 118 -10.85 -2.32 34.89
C TYR A 118 -9.75 -2.52 35.92
N SER A 119 -8.50 -2.32 35.49
CA SER A 119 -7.32 -2.44 36.33
C SER A 119 -6.56 -1.11 36.43
N PRO A 120 -6.66 -0.45 37.57
CA PRO A 120 -5.87 0.78 37.76
C PRO A 120 -4.37 0.53 37.61
N GLU A 121 -3.90 -0.64 38.00
CA GLU A 121 -2.48 -0.93 37.85
C GLU A 121 -2.12 -0.98 36.37
N ALA A 122 -2.95 -1.64 35.53
CA ALA A 122 -2.71 -1.65 34.11
C ALA A 122 -2.66 -0.24 33.56
N GLU A 123 -3.58 0.58 33.97
CA GLU A 123 -3.60 1.99 33.52
C GLU A 123 -2.28 2.73 33.81
N VAL A 124 -1.80 2.63 35.04
CA VAL A 124 -0.52 3.25 35.42
C VAL A 124 0.62 2.71 34.53
N LEU A 125 0.72 1.40 34.43
CA LEU A 125 1.79 0.76 33.69
C LEU A 125 1.76 1.12 32.21
N LEU A 126 0.57 1.07 31.61
CA LEU A 126 0.45 1.38 30.22
C LEU A 126 0.63 2.87 29.93
N SER A 127 0.19 3.75 30.84
CA SER A 127 0.40 5.18 30.66
C SER A 127 1.92 5.56 30.67
N LYS A 128 2.67 4.85 31.50
CA LYS A 128 4.11 4.96 31.48
C LYS A 128 4.72 4.39 30.19
N ALA A 129 4.30 3.21 29.76
CA ALA A 129 4.81 2.64 28.55
C ALA A 129 4.74 3.59 27.34
N VAL A 130 3.58 4.24 27.16
CA VAL A 130 3.41 5.15 26.00
C VAL A 130 4.18 6.44 26.13
N LYS A 131 4.59 6.83 27.32
CA LYS A 131 5.52 7.95 27.44
C LYS A 131 6.98 7.52 27.12
N LEU A 132 7.37 6.29 27.51
CA LEU A 132 8.71 5.79 27.23
C LEU A 132 8.87 5.38 25.78
N GLU A 133 7.77 4.94 25.11
CA GLU A 133 7.78 4.60 23.71
C GLU A 133 6.47 5.03 23.06
N PRO A 134 6.36 6.29 22.66
CA PRO A 134 5.10 6.77 22.03
C PRO A 134 4.62 6.06 20.78
N GLU A 135 5.49 5.33 20.09
CA GLU A 135 5.08 4.58 18.89
C GLU A 135 4.65 3.15 19.21
N LEU A 136 4.60 2.77 20.48
CA LEU A 136 4.27 1.37 20.79
C LEU A 136 2.75 1.20 20.74
N VAL A 137 2.30 0.77 19.57
CA VAL A 137 0.88 0.68 19.25
C VAL A 137 0.10 -0.22 20.20
N GLU A 138 0.69 -1.37 20.50
CA GLU A 138 0.05 -2.30 21.40
C GLU A 138 -0.16 -1.68 22.78
N ALA A 139 0.75 -0.82 23.26
CA ALA A 139 0.53 -0.15 24.54
C ALA A 139 -0.65 0.81 24.44
N TRP A 140 -0.74 1.57 23.35
CA TRP A 140 -1.88 2.47 23.14
C TRP A 140 -3.20 1.68 23.07
N ASN A 141 -3.22 0.53 22.43
CA ASN A 141 -4.45 -0.25 22.30
C ASN A 141 -4.86 -0.82 23.61
N GLN A 142 -3.91 -1.36 24.36
CA GLN A 142 -4.21 -1.88 25.66
C GLN A 142 -4.71 -0.75 26.61
N LEU A 143 -4.08 0.42 26.55
CA LEU A 143 -4.42 1.51 27.43
C LEU A 143 -5.84 2.00 27.09
N GLY A 144 -6.17 2.04 25.81
CA GLY A 144 -7.55 2.31 25.39
C GLY A 144 -8.58 1.34 25.88
N GLU A 145 -8.24 0.07 25.89
CA GLU A 145 -9.15 -0.95 26.41
C GLU A 145 -9.31 -0.79 27.89
N VAL A 146 -8.23 -0.46 28.60
CA VAL A 146 -8.32 -0.22 30.00
C VAL A 146 -9.22 0.99 30.27
N TYR A 147 -9.04 2.06 29.53
CA TYR A 147 -9.94 3.22 29.71
C TYR A 147 -11.42 2.86 29.44
N TRP A 148 -11.65 2.11 28.39
CA TRP A 148 -12.97 1.62 28.06
C TRP A 148 -13.59 0.85 29.24
N LYS A 149 -12.84 -0.06 29.85
CA LYS A 149 -13.36 -0.80 31.01
C LYS A 149 -13.61 0.11 32.16
N LYS A 150 -12.81 1.17 32.28
CA LYS A 150 -13.01 2.13 33.34
C LYS A 150 -14.31 2.94 33.13
N GLY A 151 -14.89 2.91 31.95
CA GLY A 151 -16.03 3.74 31.62
C GLY A 151 -15.62 5.09 31.03
N ASP A 152 -14.35 5.27 30.65
CA ASP A 152 -13.88 6.53 30.05
C ASP A 152 -13.73 6.34 28.53
N VAL A 153 -14.85 6.40 27.85
CA VAL A 153 -14.93 6.15 26.43
C VAL A 153 -14.13 7.16 25.61
N THR A 154 -14.17 8.40 26.01
CA THR A 154 -13.43 9.47 25.35
C THR A 154 -11.92 9.21 25.34
N SER A 155 -11.37 8.90 26.52
CA SER A 155 -9.97 8.52 26.59
C SER A 155 -9.68 7.25 25.81
N ALA A 156 -10.60 6.29 25.80
CA ALA A 156 -10.39 5.09 25.00
C ALA A 156 -10.24 5.46 23.55
N HIS A 157 -11.14 6.30 23.08
CA HIS A 157 -11.16 6.73 21.71
C HIS A 157 -9.89 7.50 21.34
N THR A 158 -9.47 8.40 22.21
CA THR A 158 -8.17 9.05 22.00
C THR A 158 -7.02 8.05 21.83
N CYS A 159 -7.00 7.02 22.66
CA CYS A 159 -5.94 5.98 22.52
C CYS A 159 -5.97 5.23 21.19
N PHE A 160 -7.16 4.80 20.73
CA PHE A 160 -7.24 4.03 19.49
C PHE A 160 -6.93 4.91 18.30
N SER A 161 -7.47 6.13 18.30
CA SER A 161 -7.15 7.12 17.24
C SER A 161 -5.67 7.43 17.20
N GLY A 162 -5.12 7.70 18.37
CA GLY A 162 -3.70 7.93 18.56
C GLY A 162 -2.84 6.82 18.00
N ALA A 163 -3.17 5.57 18.32
CA ALA A 163 -2.44 4.41 17.78
C ALA A 163 -2.45 4.43 16.27
N LEU A 164 -3.56 4.82 15.68
CA LEU A 164 -3.66 4.80 14.22
C LEU A 164 -2.92 5.95 13.61
N THR A 165 -2.46 6.93 14.39
CA THR A 165 -1.58 7.97 13.82
C THR A 165 -0.14 7.42 13.71
N HIS A 166 0.14 6.27 14.32
CA HIS A 166 1.48 5.65 14.26
C HIS A 166 1.54 4.51 13.25
N CYS A 167 0.54 3.65 13.23
CA CYS A 167 0.53 2.48 12.32
C CYS A 167 -0.90 1.99 12.09
N LYS A 168 -1.27 1.67 10.85
CA LYS A 168 -2.52 0.99 10.61
C LYS A 168 -2.41 -0.41 11.16
N ASN A 169 -3.39 -0.80 11.96
CA ASN A 169 -3.36 -2.12 12.61
C ASN A 169 -4.76 -2.56 12.98
N LYS A 170 -4.95 -3.87 12.94
CA LYS A 170 -6.21 -4.51 13.07
C LYS A 170 -6.92 -4.19 14.40
N VAL A 171 -6.19 -4.30 15.50
CA VAL A 171 -6.75 -4.11 16.81
C VAL A 171 -7.25 -2.68 17.02
N SER A 172 -6.49 -1.68 16.57
CA SER A 172 -6.96 -0.32 16.70
C SER A 172 -8.23 -0.11 15.89
N LEU A 173 -8.27 -0.70 14.70
CA LEU A 173 -9.47 -0.55 13.85
C LEU A 173 -10.70 -1.23 14.48
N GLN A 174 -10.52 -2.44 14.99
CA GLN A 174 -11.54 -3.12 15.74
C GLN A 174 -12.05 -2.29 16.90
N ASN A 175 -11.13 -1.88 17.78
CA ASN A 175 -11.51 -1.06 18.95
C ASN A 175 -12.16 0.29 18.60
N LEU A 176 -11.65 0.95 17.58
CA LEU A 176 -12.19 2.21 17.13
C LEU A 176 -13.64 1.98 16.66
N SER A 177 -13.87 0.92 15.87
CA SER A 177 -15.23 0.58 15.46
C SER A 177 -16.13 0.41 16.67
N MET A 178 -15.67 -0.35 17.66
CA MET A 178 -16.43 -0.60 18.89
C MET A 178 -16.78 0.69 19.64
N VAL A 179 -15.82 1.57 19.82
CA VAL A 179 -16.01 2.81 20.54
C VAL A 179 -16.87 3.79 19.81
N LEU A 180 -16.73 3.84 18.49
CA LEU A 180 -17.50 4.77 17.70
C LEU A 180 -19.01 4.56 17.81
N ARG A 181 -19.46 3.31 17.77
CA ARG A 181 -20.91 3.05 17.83
C ARG A 181 -21.44 3.37 19.22
N GLN A 182 -20.57 3.79 20.14
CA GLN A 182 -20.92 3.95 21.55
C GLN A 182 -20.57 5.32 22.15
N LEU A 183 -20.05 6.23 21.34
CA LEU A 183 -19.80 7.60 21.81
C LEU A 183 -21.11 8.33 22.10
N GLN A 184 -21.17 9.00 23.26
CA GLN A 184 -22.37 9.73 23.66
C GLN A 184 -22.32 11.10 22.99
N THR A 185 -23.44 11.53 22.44
CA THR A 185 -23.49 12.82 21.77
C THR A 185 -24.86 13.47 21.83
N ASP A 186 -24.84 14.77 22.12
CA ASP A 186 -26.05 15.61 22.18
C ASP A 186 -26.64 15.92 20.81
N SER A 187 -26.06 15.37 19.73
CA SER A 187 -26.53 15.59 18.35
C SER A 187 -26.84 14.29 17.62
N GLY A 188 -28.05 14.17 17.08
CA GLY A 188 -28.45 13.02 16.29
C GLY A 188 -27.64 12.80 15.01
N ASP A 189 -27.27 13.90 14.35
CA ASP A 189 -26.49 13.83 13.11
C ASP A 189 -25.06 13.34 13.37
N GLU A 190 -24.47 13.79 14.48
CA GLU A 190 -23.17 13.31 14.92
C GLU A 190 -23.18 11.82 15.17
N HIS A 191 -24.18 11.38 15.91
CA HIS A 191 -24.32 9.98 16.21
C HIS A 191 -24.45 9.12 14.93
N SER A 192 -25.21 9.58 13.94
CA SER A 192 -25.37 8.84 12.68
C SER A 192 -24.05 8.75 11.92
N ARG A 193 -23.28 9.83 11.96
CA ARG A 193 -21.92 9.86 11.40
C ARG A 193 -21.00 8.89 12.11
N HIS A 194 -21.07 8.84 13.43
CA HIS A 194 -20.29 7.84 14.19
C HIS A 194 -20.68 6.39 13.87
N VAL A 195 -21.98 6.15 13.73
CA VAL A 195 -22.44 4.82 13.35
C VAL A 195 -21.90 4.45 11.98
N MET A 196 -21.98 5.37 11.03
CA MET A 196 -21.48 5.09 9.68
C MET A 196 -19.96 4.86 9.75
N ASP A 197 -19.28 5.68 10.55
CA ASP A 197 -17.84 5.52 10.70
C ASP A 197 -17.49 4.18 11.37
N SER A 198 -18.35 3.72 12.25
CA SER A 198 -18.14 2.45 12.90
C SER A 198 -18.07 1.31 11.86
N VAL A 199 -18.95 1.37 10.85
CA VAL A 199 -18.97 0.37 9.80
C VAL A 199 -17.72 0.51 8.98
N ARG A 200 -17.40 1.74 8.58
CA ARG A 200 -16.15 1.99 7.81
C ARG A 200 -14.88 1.38 8.50
N GLN A 201 -14.69 1.66 9.79
CA GLN A 201 -13.53 1.16 10.50
C GLN A 201 -13.59 -0.37 10.65
N ALA A 202 -14.78 -0.93 10.88
CA ALA A 202 -14.90 -2.38 10.98
C ALA A 202 -14.56 -3.04 9.67
N LYS A 203 -14.98 -2.46 8.55
CA LYS A 203 -14.60 -2.98 7.25
C LYS A 203 -13.11 -2.92 7.00
N LEU A 204 -12.46 -1.82 7.37
CA LEU A 204 -11.00 -1.78 7.27
C LEU A 204 -10.36 -2.92 8.10
N ALA A 205 -10.85 -3.15 9.30
CA ALA A 205 -10.31 -4.20 10.20
C ALA A 205 -10.44 -5.59 9.54
N VAL A 206 -11.65 -5.88 9.04
CA VAL A 206 -11.94 -7.15 8.34
C VAL A 206 -11.00 -7.38 7.17
N GLN A 207 -10.80 -6.35 6.36
CA GLN A 207 -9.94 -6.43 5.19
C GLN A 207 -8.49 -6.74 5.51
N MET A 208 -7.99 -6.29 6.65
CA MET A 208 -6.64 -6.69 7.07
C MET A 208 -6.48 -8.19 7.35
N ASP A 209 -7.56 -8.87 7.67
CA ASP A 209 -7.48 -10.28 7.93
C ASP A 209 -8.89 -10.87 7.97
N VAL A 210 -9.32 -11.38 6.81
CA VAL A 210 -10.66 -11.83 6.66
C VAL A 210 -10.88 -13.18 7.38
N LEU A 211 -9.85 -13.76 8.00
CA LEU A 211 -10.02 -14.99 8.76
C LEU A 211 -10.21 -14.70 10.25
N ASP A 212 -10.21 -13.43 10.65
CA ASP A 212 -10.40 -13.08 12.03
C ASP A 212 -11.85 -12.91 12.37
N GLY A 213 -12.35 -13.81 13.20
CA GLY A 213 -13.73 -13.89 13.56
C GLY A 213 -14.18 -12.75 14.44
N ARG A 214 -13.25 -12.21 15.22
CA ARG A 214 -13.57 -11.05 15.99
C ARG A 214 -13.88 -9.83 15.10
N SER A 215 -13.13 -9.65 14.02
CA SER A 215 -13.40 -8.57 13.07
C SER A 215 -14.76 -8.69 12.44
N TRP A 216 -15.16 -9.90 12.06
CA TRP A 216 -16.49 -10.08 11.47
C TRP A 216 -17.58 -9.77 12.46
N TYR A 217 -17.38 -10.19 13.70
CA TYR A 217 -18.32 -9.96 14.77
C TYR A 217 -18.51 -8.47 14.99
N ILE A 218 -17.38 -7.75 14.99
CA ILE A 218 -17.37 -6.31 15.15
C ILE A 218 -18.09 -5.62 14.02
N LEU A 219 -17.92 -6.14 12.80
CA LEU A 219 -18.62 -5.58 11.64
C LEU A 219 -20.11 -5.84 11.76
N GLY A 220 -20.47 -7.02 12.21
CA GLY A 220 -21.86 -7.36 12.52
C GLY A 220 -22.52 -6.36 13.44
N ASN A 221 -21.81 -6.02 14.51
CA ASN A 221 -22.31 -5.07 15.47
C ASN A 221 -22.47 -3.70 14.80
N ALA A 222 -21.53 -3.31 13.90
CA ALA A 222 -21.59 -2.01 13.26
C ALA A 222 -22.81 -1.95 12.34
N TYR A 223 -23.03 -3.00 11.56
CA TYR A 223 -24.23 -3.10 10.78
C TYR A 223 -25.49 -3.12 11.62
N LEU A 224 -25.43 -3.80 12.75
CA LEU A 224 -26.57 -3.81 13.63
C LEU A 224 -26.93 -2.41 14.05
N SER A 225 -25.95 -1.60 14.45
CA SER A 225 -26.24 -0.23 14.82
C SER A 225 -26.71 0.60 13.64
N LEU A 226 -26.12 0.40 12.47
CA LEU A 226 -26.54 1.11 11.26
C LEU A 226 -28.00 0.80 10.96
N TYR A 227 -28.34 -0.44 11.07
CA TYR A 227 -29.72 -0.86 10.77
C TYR A 227 -30.70 -0.12 11.65
N PHE A 228 -30.41 -0.05 12.95
CA PHE A 228 -31.31 0.61 13.90
C PHE A 228 -31.24 2.13 13.85
N ASN A 229 -30.19 2.68 13.27
CA ASN A 229 -30.06 4.13 13.24
C ASN A 229 -30.71 4.74 12.01
N THR A 230 -30.97 3.94 10.99
CA THR A 230 -31.31 4.49 9.70
C THR A 230 -32.57 3.85 9.14
N GLY A 231 -33.51 3.54 10.02
CA GLY A 231 -34.85 3.13 9.59
C GLY A 231 -35.02 1.67 9.20
N GLN A 232 -34.13 0.82 9.71
CA GLN A 232 -34.31 -0.63 9.67
C GLN A 232 -34.46 -1.18 8.27
N ASN A 233 -33.54 -0.79 7.40
CA ASN A 233 -33.52 -1.33 6.04
C ASN A 233 -33.14 -2.81 6.10
N PRO A 234 -34.07 -3.72 5.74
CA PRO A 234 -33.78 -5.16 5.85
C PRO A 234 -32.50 -5.63 5.16
N LYS A 235 -32.01 -4.87 4.17
CA LYS A 235 -30.73 -5.21 3.57
C LYS A 235 -29.58 -5.13 4.60
N ILE A 236 -29.71 -4.20 5.53
CA ILE A 236 -28.64 -3.92 6.47
C ILE A 236 -28.66 -4.96 7.59
N SER A 237 -29.84 -5.37 8.03
CA SER A 237 -29.92 -6.52 8.94
C SER A 237 -29.37 -7.80 8.31
N GLN A 238 -29.66 -8.03 7.03
CA GLN A 238 -29.02 -9.14 6.33
C GLN A 238 -27.51 -9.04 6.32
N GLN A 239 -26.96 -7.85 6.12
CA GLN A 239 -25.53 -7.67 6.19
C GLN A 239 -24.98 -7.96 7.60
N ALA A 240 -25.72 -7.59 8.64
CA ALA A 240 -25.32 -7.91 10.01
C ALA A 240 -25.30 -9.40 10.22
N LEU A 241 -26.41 -10.05 9.88
CA LEU A 241 -26.53 -11.48 10.06
C LEU A 241 -25.44 -12.21 9.27
N SER A 242 -25.19 -11.73 8.05
CA SER A 242 -24.21 -12.36 7.22
C SER A 242 -22.80 -12.17 7.79
N ALA A 243 -22.52 -11.04 8.42
CA ALA A 243 -21.25 -10.83 9.08
C ALA A 243 -21.08 -11.76 10.29
N TYR A 244 -22.11 -11.93 11.08
CA TYR A 244 -22.00 -12.79 12.22
C TYR A 244 -21.77 -14.26 11.79
N ALA A 245 -22.52 -14.67 10.76
CA ALA A 245 -22.42 -16.01 10.23
C ALA A 245 -21.00 -16.18 9.67
N GLN A 246 -20.45 -15.15 9.03
CA GLN A 246 -19.09 -15.26 8.49
C GLN A 246 -18.06 -15.41 9.62
N ALA A 247 -18.25 -14.71 10.74
CA ALA A 247 -17.43 -14.89 11.92
C ALA A 247 -17.33 -16.36 12.30
N GLU A 248 -18.48 -17.00 12.45
CA GLU A 248 -18.53 -18.37 12.92
C GLU A 248 -17.98 -19.35 11.86
N LYS A 249 -18.18 -19.00 10.62
CA LYS A 249 -17.68 -19.81 9.56
C LYS A 249 -16.18 -19.87 9.55
N VAL A 250 -15.50 -18.72 9.66
CA VAL A 250 -14.04 -18.70 9.52
C VAL A 250 -13.29 -19.01 10.79
N ASP A 251 -13.94 -18.94 11.93
CA ASP A 251 -13.26 -19.03 13.19
C ASP A 251 -14.17 -19.66 14.26
N ARG A 252 -13.94 -20.91 14.63
CA ARG A 252 -14.72 -21.56 15.66
C ARG A 252 -14.82 -20.72 16.95
N LYS A 253 -13.81 -19.93 17.29
CA LYS A 253 -13.86 -19.15 18.53
C LYS A 253 -15.05 -18.20 18.56
N ALA A 254 -15.46 -17.66 17.40
CA ALA A 254 -16.61 -16.79 17.31
C ALA A 254 -17.94 -17.45 17.75
N SER A 255 -18.05 -18.77 17.61
CA SER A 255 -19.25 -19.46 18.09
C SER A 255 -19.36 -19.48 19.59
N SER A 256 -18.26 -19.21 20.30
CA SER A 256 -18.29 -19.14 21.74
C SER A 256 -18.31 -17.71 22.29
N ASN A 257 -18.53 -16.73 21.42
CA ASN A 257 -18.67 -15.32 21.79
C ASN A 257 -20.10 -15.03 22.26
N PRO A 258 -20.32 -14.86 23.57
CA PRO A 258 -21.66 -14.67 24.05
C PRO A 258 -22.33 -13.41 23.46
N ASP A 259 -21.54 -12.37 23.19
CA ASP A 259 -22.07 -11.14 22.66
C ASP A 259 -22.55 -11.32 21.24
N LEU A 260 -21.91 -12.20 20.47
CA LEU A 260 -22.38 -12.45 19.11
C LEU A 260 -23.78 -13.09 19.13
N HIS A 261 -23.96 -14.08 19.98
CA HIS A 261 -25.27 -14.74 20.12
C HIS A 261 -26.37 -13.78 20.58
N LEU A 262 -26.05 -12.97 21.56
CA LEU A 262 -26.97 -11.97 22.06
C LEU A 262 -27.35 -10.90 21.03
N ASN A 263 -26.35 -10.31 20.38
CA ASN A 263 -26.61 -9.30 19.43
C ASN A 263 -27.41 -9.86 18.24
N ARG A 264 -27.06 -11.03 17.73
CA ARG A 264 -27.84 -11.62 16.65
C ARG A 264 -29.29 -11.92 17.09
N ALA A 265 -29.45 -12.39 18.31
CA ALA A 265 -30.76 -12.71 18.84
C ALA A 265 -31.62 -11.46 18.95
N THR A 266 -31.01 -10.32 19.27
CA THR A 266 -31.76 -9.07 19.38
C THR A 266 -32.27 -8.65 18.00
N LEU A 267 -31.48 -8.91 16.98
CA LEU A 267 -31.92 -8.68 15.62
C LEU A 267 -33.05 -9.61 15.18
N HIS A 268 -32.89 -10.90 15.47
CA HIS A 268 -33.93 -11.88 15.22
C HIS A 268 -35.24 -11.52 15.92
N LYS A 269 -35.11 -11.06 17.14
CA LYS A 269 -36.28 -10.64 17.88
C LYS A 269 -37.02 -9.49 17.16
N TYR A 270 -36.28 -8.48 16.76
CA TYR A 270 -36.88 -7.29 16.12
C TYR A 270 -37.54 -7.65 14.78
N GLU A 271 -36.98 -8.63 14.08
CA GLU A 271 -37.57 -9.09 12.86
C GLU A 271 -38.56 -10.26 13.06
N GLU A 272 -38.84 -10.61 14.29
CA GLU A 272 -39.88 -11.57 14.64
C GLU A 272 -39.54 -13.03 14.26
N SER A 273 -38.25 -13.36 14.16
CA SER A 273 -37.80 -14.77 14.17
C SER A 273 -37.65 -15.16 15.63
N TYR A 274 -38.79 -15.38 16.28
CA TYR A 274 -38.80 -15.42 17.73
C TYR A 274 -38.11 -16.66 18.30
N GLY A 275 -38.25 -17.78 17.63
CA GLY A 275 -37.62 -19.04 18.03
C GLY A 275 -36.09 -18.92 17.99
N GLU A 276 -35.60 -18.33 16.91
CA GLU A 276 -34.17 -18.08 16.76
C GLU A 276 -33.65 -17.06 17.80
N ALA A 277 -34.44 -16.04 18.10
CA ALA A 277 -34.09 -15.11 19.13
C ALA A 277 -33.96 -15.81 20.47
N LEU A 278 -34.93 -16.67 20.78
CA LEU A 278 -34.95 -17.34 22.06
C LEU A 278 -33.75 -18.30 22.19
N GLU A 279 -33.47 -19.05 21.14
CA GLU A 279 -32.29 -19.88 21.11
C GLU A 279 -31.00 -19.05 21.31
N GLY A 280 -30.91 -17.89 20.68
CA GLY A 280 -29.75 -17.04 20.72
C GLY A 280 -29.51 -16.56 22.16
N PHE A 281 -30.57 -16.09 22.82
CA PHE A 281 -30.45 -15.62 24.20
C PHE A 281 -30.03 -16.77 25.10
N SER A 282 -30.61 -17.91 24.84
CA SER A 282 -30.31 -19.09 25.64
C SER A 282 -28.84 -19.51 25.47
N GLN A 283 -28.33 -19.48 24.23
CA GLN A 283 -26.95 -19.83 23.94
C GLN A 283 -25.96 -18.80 24.54
N ALA A 284 -26.29 -17.52 24.44
CA ALA A 284 -25.47 -16.51 25.07
C ALA A 284 -25.42 -16.75 26.56
N ALA A 285 -26.55 -17.14 27.15
CA ALA A 285 -26.63 -17.39 28.62
C ALA A 285 -25.80 -18.58 29.03
N ALA A 286 -25.86 -19.63 28.23
CA ALA A 286 -25.05 -20.83 28.47
C ALA A 286 -23.56 -20.48 28.37
N LEU A 287 -23.18 -19.65 27.41
CA LEU A 287 -21.73 -19.25 27.28
C LEU A 287 -21.23 -18.35 28.41
N ASP A 288 -22.10 -17.62 29.10
CA ASP A 288 -21.71 -16.80 30.29
C ASP A 288 -22.84 -16.79 31.34
N PRO A 289 -22.89 -17.85 32.16
CA PRO A 289 -24.01 -17.99 33.08
C PRO A 289 -24.15 -16.88 34.11
N ALA A 290 -23.08 -16.12 34.36
CA ALA A 290 -23.15 -15.04 35.36
C ALA A 290 -23.66 -13.73 34.75
N TRP A 291 -23.93 -13.73 33.44
CA TRP A 291 -24.35 -12.51 32.72
C TRP A 291 -25.87 -12.37 32.71
N PRO A 292 -26.41 -11.37 33.41
CA PRO A 292 -27.87 -11.37 33.51
C PRO A 292 -28.59 -11.08 32.17
N GLU A 293 -28.03 -10.20 31.35
CA GLU A 293 -28.78 -9.70 30.21
C GLU A 293 -29.48 -10.77 29.34
N PRO A 294 -28.76 -11.80 28.87
CA PRO A 294 -29.42 -12.74 28.00
C PRO A 294 -30.51 -13.51 28.69
N GLN A 295 -30.35 -13.77 29.96
CA GLN A 295 -31.41 -14.43 30.72
C GLN A 295 -32.62 -13.52 30.90
N GLN A 296 -32.36 -12.25 31.16
CA GLN A 296 -33.44 -11.27 31.27
C GLN A 296 -34.16 -11.10 29.93
N ARG A 297 -33.40 -11.01 28.83
CA ARG A 297 -34.01 -10.88 27.49
C ARG A 297 -34.86 -12.10 27.17
N GLU A 298 -34.37 -13.28 27.50
CA GLU A 298 -35.10 -14.48 27.20
C GLU A 298 -36.40 -14.51 28.04
N GLN A 299 -36.30 -14.16 29.32
CA GLN A 299 -37.46 -14.13 30.20
C GLN A 299 -38.50 -13.13 29.71
N GLN A 300 -38.06 -11.94 29.34
CA GLN A 300 -38.97 -10.89 28.84
C GLN A 300 -39.69 -11.29 27.55
N LEU A 301 -38.98 -11.93 26.63
CA LEU A 301 -39.60 -12.33 25.41
C LEU A 301 -40.60 -13.46 25.68
N LEU A 302 -40.23 -14.43 26.52
CA LEU A 302 -41.18 -15.48 26.88
C LEU A 302 -42.43 -14.91 27.55
N GLU A 303 -42.25 -13.87 28.34
CA GLU A 303 -43.37 -13.24 29.05
C GLU A 303 -44.24 -12.50 28.04
N PHE A 304 -43.63 -11.81 27.09
CA PHE A 304 -44.37 -11.16 26.02
C PHE A 304 -45.20 -12.19 25.23
N LEU A 305 -44.58 -13.28 24.83
CA LEU A 305 -45.26 -14.26 24.02
C LEU A 305 -46.41 -14.95 24.80
N SER A 306 -46.22 -15.19 26.10
CA SER A 306 -47.28 -15.78 26.94
C SER A 306 -48.46 -14.85 27.09
N ARG A 307 -48.19 -13.58 27.39
CA ARG A 307 -49.26 -12.59 27.50
C ARG A 307 -49.99 -12.43 26.18
N LEU A 308 -49.24 -12.31 25.10
CA LEU A 308 -49.85 -12.09 23.78
C LEU A 308 -50.76 -13.24 23.45
N THR A 309 -50.29 -14.49 23.57
CA THR A 309 -51.11 -15.61 23.14
C THR A 309 -52.34 -15.76 24.04
N SER A 310 -52.19 -15.54 25.34
CA SER A 310 -53.36 -15.50 26.24
C SER A 310 -54.37 -14.45 25.79
N LEU A 311 -53.92 -13.23 25.58
CA LEU A 311 -54.83 -12.16 25.18
C LEU A 311 -55.47 -12.43 23.77
N LEU A 312 -54.71 -13.01 22.84
CA LEU A 312 -55.31 -13.38 21.54
C LEU A 312 -56.40 -14.44 21.72
N GLU A 313 -56.10 -15.50 22.46
CA GLU A 313 -57.05 -16.60 22.68
C GLU A 313 -58.32 -16.11 23.40
N SER A 314 -58.19 -15.14 24.29
CA SER A 314 -59.31 -14.63 25.07
C SER A 314 -59.95 -13.45 24.41
N LYS A 315 -59.42 -13.02 23.27
CA LYS A 315 -59.82 -11.75 22.63
C LYS A 315 -59.87 -10.58 23.62
N GLY A 316 -58.80 -10.41 24.38
CA GLY A 316 -58.71 -9.33 25.36
C GLY A 316 -59.68 -9.54 26.52
N LYS A 317 -60.02 -10.80 26.81
CA LYS A 317 -61.03 -11.16 27.84
C LYS A 317 -62.38 -10.49 27.55
N THR A 318 -62.74 -10.44 26.27
CA THR A 318 -63.99 -9.81 25.85
C THR A 318 -65.06 -10.87 25.57
N LYS A 319 -66.20 -10.71 26.24
CA LYS A 319 -67.34 -11.60 26.07
C LYS A 319 -67.96 -11.43 24.67
N PRO A 320 -68.59 -12.49 24.15
CA PRO A 320 -69.23 -12.46 22.81
C PRO A 320 -70.17 -11.26 22.60
N LYS A 321 -70.95 -10.91 23.62
CA LYS A 321 -71.84 -9.73 23.59
C LYS A 321 -71.02 -8.47 23.26
N LYS A 322 -69.91 -8.30 23.97
CA LYS A 322 -69.13 -7.09 23.82
C LYS A 322 -68.41 -7.03 22.48
N LEU A 323 -68.05 -8.19 21.95
CA LEU A 323 -67.37 -8.31 20.67
C LEU A 323 -68.35 -7.92 19.56
N GLN A 324 -69.57 -8.43 19.64
CA GLN A 324 -70.62 -8.12 18.65
C GLN A 324 -70.94 -6.63 18.67
N SER A 325 -71.07 -6.04 19.86
CA SER A 325 -71.19 -4.59 20.00
C SER A 325 -70.05 -3.84 19.29
N MET A 326 -68.83 -4.26 19.55
CA MET A 326 -67.68 -3.55 18.99
C MET A 326 -67.65 -3.62 17.45
N LEU A 327 -67.82 -4.86 16.94
CA LEU A 327 -67.83 -5.15 15.50
C LEU A 327 -68.93 -4.42 14.76
N GLY A 328 -70.06 -4.18 15.44
CA GLY A 328 -71.16 -3.38 14.88
C GLY A 328 -70.87 -1.88 14.79
N SER A 329 -69.93 -1.38 15.60
CA SER A 329 -69.51 0.03 15.54
C SER A 329 -68.56 0.34 14.36
N LEU A 330 -68.26 -0.67 13.52
CA LEU A 330 -67.50 -0.43 12.28
C LEU A 330 -68.37 0.22 11.20
N ARG A 331 -67.75 0.97 10.29
CA ARG A 331 -68.45 1.70 9.20
C ARG A 331 -67.61 1.76 7.91
N PRO A 332 -68.16 2.34 6.83
CA PRO A 332 -67.35 2.55 5.61
C PRO A 332 -66.20 3.55 5.81
N ALA A 333 -66.47 4.66 6.48
CA ALA A 333 -65.50 5.75 6.64
C ALA A 333 -64.24 5.35 7.40
N HIS A 334 -64.29 4.22 8.10
CA HIS A 334 -63.12 3.78 8.84
C HIS A 334 -62.05 3.17 7.92
N LEU A 335 -62.42 2.83 6.68
CA LEU A 335 -61.40 2.55 5.66
C LEU A 335 -60.48 3.76 5.41
N GLY A 336 -61.05 4.96 5.57
CA GLY A 336 -60.34 6.24 5.40
C GLY A 336 -59.66 6.41 4.06
N PRO A 337 -58.37 6.76 4.09
CA PRO A 337 -57.54 6.87 2.88
C PRO A 337 -57.65 5.66 1.92
N TYR A 343 -56.08 5.26 -1.13
CA TYR A 343 -54.68 5.08 -0.67
C TYR A 343 -53.71 5.44 -1.78
N GLN A 344 -52.52 5.88 -1.37
CA GLN A 344 -51.38 6.09 -2.26
C GLN A 344 -50.27 5.14 -1.82
N SER A 345 -49.64 4.49 -2.80
CA SER A 345 -48.37 3.82 -2.57
C SER A 345 -47.33 4.84 -2.99
N ALA A 346 -46.70 5.50 -2.00
CA ALA A 346 -45.69 6.56 -2.19
C ALA A 346 -45.19 6.75 -3.64
N GLN A 349 -48.81 7.42 -6.04
CA GLN A 349 -49.70 6.70 -6.95
C GLN A 349 -50.97 6.20 -6.28
N LYS A 350 -52.12 6.47 -6.91
CA LYS A 350 -53.45 6.19 -6.36
C LYS A 350 -53.89 4.75 -6.58
N MET A 351 -54.46 4.18 -5.52
CA MET A 351 -54.77 2.77 -5.39
C MET A 351 -56.11 2.62 -4.68
N THR A 352 -56.98 1.75 -5.18
CA THR A 352 -58.20 1.38 -4.44
C THR A 352 -58.04 -0.02 -3.87
N LEU A 353 -58.05 -0.15 -2.55
CA LEU A 353 -57.86 -1.44 -1.89
C LEU A 353 -59.20 -2.13 -1.60
N GLU A 354 -59.22 -3.46 -1.74
CA GLU A 354 -60.38 -4.30 -1.44
C GLU A 354 -60.41 -4.70 0.03
N LEU A 355 -61.49 -4.36 0.74
CA LEU A 355 -61.68 -4.80 2.12
C LEU A 355 -61.80 -6.32 2.15
N LYS A 356 -60.97 -6.98 2.95
CA LYS A 356 -61.01 -8.43 3.07
C LYS A 356 -60.85 -8.84 4.54
N PRO A 357 -61.41 -10.02 4.91
CA PRO A 357 -61.23 -10.51 6.29
C PRO A 357 -59.82 -11.00 6.53
N LEU A 358 -59.35 -10.85 7.78
CA LEU A 358 -58.04 -11.34 8.18
C LEU A 358 -57.89 -12.84 7.88
N SER A 359 -58.98 -13.58 8.04
CA SER A 359 -58.95 -15.03 7.81
C SER A 359 -58.65 -15.39 6.36
N THR A 360 -58.88 -14.46 5.44
CA THR A 360 -58.64 -14.72 4.02
C THR A 360 -57.22 -14.35 3.59
N LEU A 361 -56.46 -13.68 4.45
CA LEU A 361 -55.11 -13.22 4.11
C LEU A 361 -54.10 -14.36 3.94
N GLN A 362 -53.18 -14.19 2.99
CA GLN A 362 -52.08 -15.11 2.76
C GLN A 362 -50.83 -14.64 3.50
N PRO A 363 -49.89 -15.58 3.73
CA PRO A 363 -48.63 -15.14 4.33
C PRO A 363 -47.94 -14.13 3.44
N GLY A 364 -47.24 -13.20 4.07
CA GLY A 364 -46.55 -12.13 3.37
C GLY A 364 -47.44 -10.92 3.13
N VAL A 365 -46.99 -10.04 2.22
CA VAL A 365 -47.73 -8.83 1.89
C VAL A 365 -48.95 -9.26 1.10
N ASN A 366 -50.11 -8.73 1.46
CA ASN A 366 -51.34 -8.98 0.70
C ASN A 366 -51.68 -7.75 -0.17
N SER A 367 -51.11 -7.67 -1.37
CA SER A 367 -51.38 -6.58 -2.31
C SER A 367 -52.85 -6.41 -2.67
N GLY A 368 -53.28 -5.16 -2.83
CA GLY A 368 -54.62 -4.86 -3.34
C GLY A 368 -55.69 -4.94 -2.26
N THR A 369 -55.26 -5.25 -1.03
CA THR A 369 -56.13 -5.59 0.08
C THR A 369 -55.99 -4.60 1.22
N VAL A 370 -57.09 -4.40 1.94
CA VAL A 370 -57.09 -3.68 3.21
C VAL A 370 -57.92 -4.53 4.21
N VAL A 371 -57.53 -4.50 5.48
CA VAL A 371 -58.33 -5.08 6.54
C VAL A 371 -58.76 -3.97 7.49
N LEU A 372 -59.88 -4.21 8.16
CA LEU A 372 -60.47 -3.21 9.03
C LEU A 372 -61.11 -3.96 10.19
N GLY A 373 -60.65 -3.67 11.40
CA GLY A 373 -61.15 -4.40 12.55
C GLY A 373 -61.17 -3.50 13.75
N LYS A 374 -61.48 -4.09 14.90
CA LYS A 374 -61.54 -3.38 16.16
C LYS A 374 -60.42 -3.87 17.07
N VAL A 375 -59.81 -2.94 17.80
CA VAL A 375 -58.80 -3.25 18.80
C VAL A 375 -59.43 -3.86 20.04
N VAL A 376 -59.07 -5.09 20.38
CA VAL A 376 -59.60 -5.71 21.61
C VAL A 376 -58.63 -5.67 22.80
N PHE A 377 -57.35 -5.39 22.54
CA PHE A 377 -56.38 -5.19 23.63
C PHE A 377 -55.11 -4.57 23.07
N SER A 378 -54.22 -4.19 23.97
CA SER A 378 -52.87 -3.75 23.59
C SER A 378 -51.85 -4.24 24.61
N LEU A 379 -50.60 -4.27 24.18
CA LEU A 379 -49.51 -4.87 24.93
C LEU A 379 -48.24 -4.06 24.61
N THR A 380 -47.58 -3.56 25.65
CA THR A 380 -46.35 -2.78 25.51
C THR A 380 -45.14 -3.64 25.94
N THR A 381 -43.95 -3.16 25.62
CA THR A 381 -42.72 -3.91 25.78
C THR A 381 -41.67 -2.98 26.40
N GLU A 382 -40.77 -3.52 27.22
CA GLU A 382 -39.74 -2.71 27.88
C GLU A 382 -39.08 -1.73 26.90
N GLU A 383 -38.75 -2.21 25.70
CA GLU A 383 -38.06 -1.36 24.70
C GLU A 383 -38.98 -0.37 24.01
N LYS A 384 -40.30 -0.47 24.22
CA LYS A 384 -41.30 0.51 23.67
C LYS A 384 -41.59 0.33 22.18
N VAL A 385 -40.92 -0.62 21.55
CA VAL A 385 -41.12 -0.97 20.17
C VAL A 385 -41.03 -2.50 20.08
N PRO A 386 -41.95 -3.15 19.35
CA PRO A 386 -43.11 -2.57 18.64
C PRO A 386 -44.24 -2.22 19.59
N PHE A 387 -45.18 -1.38 19.15
CA PHE A 387 -46.47 -1.29 19.85
C PHE A 387 -47.33 -2.41 19.34
N THR A 388 -47.88 -3.21 20.24
CA THR A 388 -48.60 -4.42 19.85
C THR A 388 -50.07 -4.33 20.28
N PHE A 389 -50.97 -4.71 19.39
CA PHE A 389 -52.37 -4.83 19.78
C PHE A 389 -53.07 -5.99 19.09
N GLY A 390 -54.25 -6.31 19.60
CA GLY A 390 -55.08 -7.40 19.09
C GLY A 390 -56.18 -6.80 18.25
N LEU A 391 -56.43 -7.42 17.10
CA LEU A 391 -57.44 -6.96 16.17
C LEU A 391 -58.43 -8.08 15.80
N VAL A 392 -59.72 -7.79 15.84
CA VAL A 392 -60.78 -8.69 15.35
C VAL A 392 -61.57 -7.99 14.26
N ASP A 393 -61.94 -8.74 13.23
CA ASP A 393 -62.84 -8.22 12.18
C ASP A 393 -63.98 -9.19 11.88
N SER A 394 -64.25 -10.10 12.80
CA SER A 394 -65.28 -11.12 12.65
C SER A 394 -65.35 -11.93 13.96
N ASP A 395 -66.24 -12.92 14.00
CA ASP A 395 -66.29 -13.94 15.06
C ASP A 395 -65.05 -14.83 15.10
N GLY A 396 -64.24 -14.78 14.04
CA GLY A 396 -63.03 -15.58 13.97
C GLY A 396 -61.95 -15.13 14.93
N PRO A 397 -60.81 -15.85 14.94
CA PRO A 397 -59.66 -15.55 15.78
C PRO A 397 -59.13 -14.12 15.66
N CYS A 398 -58.59 -13.66 16.78
CA CYS A 398 -57.99 -12.35 16.92
C CYS A 398 -56.59 -12.44 16.35
N TYR A 399 -56.13 -11.39 15.69
CA TYR A 399 -54.75 -11.33 15.17
C TYR A 399 -53.92 -10.28 15.92
N ALA A 400 -52.63 -10.54 16.10
CA ALA A 400 -51.75 -9.54 16.66
C ALA A 400 -51.30 -8.58 15.57
N VAL A 401 -51.12 -7.32 15.95
CA VAL A 401 -50.54 -6.33 15.06
C VAL A 401 -49.37 -5.68 15.78
N MET A 402 -48.21 -5.72 15.15
CA MET A 402 -47.00 -5.14 15.71
C MET A 402 -46.64 -3.98 14.83
N VAL A 403 -46.56 -2.81 15.43
CA VAL A 403 -46.25 -1.61 14.73
C VAL A 403 -44.85 -1.16 15.14
N TYR A 404 -43.95 -1.10 14.16
CA TYR A 404 -42.60 -0.69 14.37
C TYR A 404 -42.39 0.80 14.05
N ASN A 405 -41.20 1.31 14.35
CA ASN A 405 -40.79 2.69 14.06
C ASN A 405 -41.80 3.70 14.65
N VAL A 406 -42.19 3.46 15.90
CA VAL A 406 -43.19 4.28 16.58
C VAL A 406 -42.58 5.06 17.74
N VAL A 407 -43.07 6.29 17.97
CA VAL A 407 -42.68 7.07 19.15
C VAL A 407 -43.40 6.52 20.40
N GLN A 408 -42.86 6.83 21.58
CA GLN A 408 -43.33 6.29 22.85
C GLN A 408 -44.80 6.56 23.12
N SER A 409 -45.25 7.75 22.76
CA SER A 409 -46.63 8.13 23.07
C SER A 409 -47.66 7.62 22.06
N TRP A 410 -47.24 6.91 21.01
CA TRP A 410 -48.20 6.54 19.98
C TRP A 410 -48.94 5.32 20.45
N GLY A 411 -50.18 5.17 20.04
CA GLY A 411 -50.90 3.96 20.35
C GLY A 411 -52.29 3.93 19.78
N VAL A 412 -52.99 2.82 20.01
CA VAL A 412 -54.38 2.66 19.66
C VAL A 412 -55.08 2.10 20.91
N LEU A 413 -56.35 2.45 21.11
CA LEU A 413 -57.06 2.09 22.33
C LEU A 413 -58.07 0.98 22.05
N ILE A 414 -58.48 0.27 23.11
CA ILE A 414 -59.56 -0.72 23.01
C ILE A 414 -60.78 0.00 22.42
N GLY A 415 -61.42 -0.59 21.42
CA GLY A 415 -62.57 0.03 20.79
C GLY A 415 -62.26 0.82 19.52
N ASP A 416 -60.99 1.19 19.28
CA ASP A 416 -60.65 1.91 18.05
C ASP A 416 -60.85 1.03 16.85
N SER A 417 -61.24 1.65 15.76
CA SER A 417 -61.20 1.03 14.45
C SER A 417 -59.82 1.22 13.90
N VAL A 418 -59.26 0.17 13.33
CA VAL A 418 -57.99 0.28 12.64
C VAL A 418 -58.06 -0.37 11.28
N ALA A 419 -57.62 0.35 10.26
CA ALA A 419 -57.46 -0.20 8.90
C ALA A 419 -55.99 -0.32 8.56
N ILE A 420 -55.64 -1.45 7.98
CA ILE A 420 -54.25 -1.71 7.60
C ILE A 420 -54.20 -2.01 6.11
N PRO A 421 -53.53 -1.17 5.33
CA PRO A 421 -53.43 -1.41 3.90
C PRO A 421 -52.40 -2.47 3.60
N GLU A 422 -52.72 -3.39 2.71
CA GLU A 422 -51.78 -4.42 2.24
C GLU A 422 -51.04 -5.10 3.39
N PRO A 423 -51.80 -5.64 4.36
CA PRO A 423 -51.23 -6.25 5.52
C PRO A 423 -50.19 -7.29 5.21
N ASN A 424 -49.11 -7.25 6.00
CA ASN A 424 -48.06 -8.26 5.95
C ASN A 424 -48.27 -9.31 7.05
N LEU A 425 -48.75 -10.47 6.66
CA LEU A 425 -49.20 -11.49 7.58
C LEU A 425 -48.12 -12.53 7.81
N ARG A 426 -47.94 -12.95 9.04
CA ARG A 426 -47.03 -14.05 9.35
C ARG A 426 -47.67 -14.97 10.35
N HIS A 427 -47.44 -16.26 10.21
CA HIS A 427 -47.92 -17.25 11.16
C HIS A 427 -46.73 -17.66 11.98
N HIS A 428 -46.87 -17.63 13.30
CA HIS A 428 -45.78 -17.98 14.20
C HIS A 428 -46.06 -19.31 14.87
N GLN A 429 -45.05 -20.15 14.94
CA GLN A 429 -45.14 -21.42 15.62
C GLN A 429 -43.82 -21.63 16.31
N ILE A 430 -43.78 -21.29 17.59
CA ILE A 430 -42.55 -21.26 18.33
C ILE A 430 -42.57 -22.38 19.35
N ARG A 431 -41.46 -23.10 19.44
CA ARG A 431 -41.28 -24.18 20.38
C ARG A 431 -39.94 -23.94 21.08
N HIS A 432 -39.97 -23.71 22.38
CA HIS A 432 -38.75 -23.41 23.10
C HIS A 432 -38.82 -23.98 24.50
N LYS A 433 -37.82 -24.81 24.82
CA LYS A 433 -37.69 -25.40 26.14
C LYS A 433 -39.02 -25.96 26.61
N GLY A 434 -39.63 -26.72 25.70
CA GLY A 434 -40.83 -27.50 26.01
C GLY A 434 -42.13 -26.74 26.07
N LYS A 435 -42.15 -25.48 25.64
CA LYS A 435 -43.37 -24.68 25.58
C LYS A 435 -43.62 -24.23 24.16
N ASP A 436 -44.89 -24.10 23.82
CA ASP A 436 -45.28 -23.74 22.46
C ASP A 436 -46.04 -22.45 22.48
N TYR A 437 -45.84 -21.66 21.44
CA TYR A 437 -46.55 -20.38 21.27
C TYR A 437 -46.92 -20.30 19.80
N SER A 438 -48.21 -20.19 19.49
CA SER A 438 -48.66 -20.11 18.12
C SER A 438 -49.64 -18.99 18.01
N PHE A 439 -49.50 -18.21 16.96
CA PHE A 439 -50.41 -17.11 16.73
C PHE A 439 -50.07 -16.48 15.40
N SER A 440 -50.94 -15.62 14.92
CA SER A 440 -50.75 -15.00 13.62
C SER A 440 -50.66 -13.50 13.83
N SER A 441 -49.80 -12.85 13.03
CA SER A 441 -49.56 -11.43 13.23
C SER A 441 -49.46 -10.65 11.93
N VAL A 442 -49.75 -9.36 12.04
CA VAL A 442 -49.57 -8.42 10.97
C VAL A 442 -48.47 -7.45 11.41
N ARG A 443 -47.41 -7.38 10.63
CA ARG A 443 -46.24 -6.56 10.91
C ARG A 443 -46.37 -5.27 10.13
N VAL A 444 -46.45 -4.17 10.85
CA VAL A 444 -46.65 -2.86 10.26
C VAL A 444 -45.38 -2.09 10.47
N GLU A 445 -44.77 -1.68 9.39
CA GLU A 445 -43.44 -1.13 9.40
C GLU A 445 -43.36 0.26 10.02
N THR A 446 -44.47 0.99 9.96
CA THR A 446 -44.55 2.31 10.49
C THR A 446 -45.99 2.66 10.76
N PRO A 447 -46.24 3.44 11.82
CA PRO A 447 -47.60 3.84 12.08
C PRO A 447 -48.21 4.72 10.98
N LEU A 448 -47.38 5.33 10.13
CA LEU A 448 -47.91 6.13 8.99
C LEU A 448 -48.61 5.31 7.92
N LEU A 449 -48.56 3.99 8.02
CA LEU A 449 -49.37 3.13 7.15
C LEU A 449 -50.79 2.87 7.71
N LEU A 450 -51.00 3.16 8.99
CA LEU A 450 -52.28 2.89 9.65
C LEU A 450 -53.35 3.99 9.54
N VAL A 451 -54.62 3.56 9.52
CA VAL A 451 -55.78 4.44 9.58
C VAL A 451 -56.54 4.12 10.86
N VAL A 452 -56.55 5.05 11.81
CA VAL A 452 -57.23 4.83 13.10
C VAL A 452 -58.49 5.69 13.24
N ASN A 453 -59.65 5.04 13.35
CA ASN A 453 -60.96 5.71 13.32
C ASN A 453 -61.11 6.59 12.09
N GLY A 454 -60.79 6.02 10.94
CA GLY A 454 -60.85 6.72 9.66
C GLY A 454 -59.78 7.78 9.40
N LYS A 455 -58.93 8.08 10.38
CA LYS A 455 -57.93 9.16 10.24
C LYS A 455 -56.53 8.62 9.97
N PRO A 456 -55.85 9.15 8.94
CA PRO A 456 -54.44 8.78 8.79
C PRO A 456 -53.64 9.29 9.97
N GLN A 457 -52.46 8.73 10.15
CA GLN A 457 -51.62 9.06 11.28
C GLN A 457 -50.65 10.13 10.85
N ASN A 458 -50.43 11.08 11.74
CA ASN A 458 -49.50 12.14 11.48
C ASN A 458 -48.09 11.68 11.48
N SER A 459 -47.24 12.45 10.81
CA SER A 459 -45.84 12.09 10.63
C SER A 459 -45.05 12.05 11.96
N SER A 460 -45.58 12.71 13.00
CA SER A 460 -44.90 12.76 14.29
C SER A 460 -44.99 11.42 15.04
N SER A 461 -45.88 10.54 14.59
CA SER A 461 -45.98 9.23 15.21
C SER A 461 -44.80 8.30 14.91
N GLN A 462 -44.06 8.61 13.86
CA GLN A 462 -42.92 7.81 13.42
C GLN A 462 -41.64 8.24 14.08
N ALA A 463 -40.83 7.26 14.50
CA ALA A 463 -39.61 7.54 15.25
C ALA A 463 -38.52 8.20 14.39
N SER A 464 -38.19 7.61 13.24
CA SER A 464 -37.16 8.19 12.34
C SER A 464 -37.83 9.13 11.32
N ALA A 465 -37.11 10.14 10.82
CA ALA A 465 -37.67 11.22 9.95
C ALA A 465 -38.22 10.71 8.58
N THR A 466 -39.20 11.41 7.99
CA THR A 466 -39.84 10.97 6.71
C THR A 466 -40.05 12.09 5.74
N SER B 34 -24.69 11.94 5.64
CA SER B 34 -24.62 13.37 5.26
C SER B 34 -23.43 14.04 5.92
N MET B 35 -23.42 14.15 7.26
CA MET B 35 -22.23 14.70 7.94
C MET B 35 -21.00 13.87 7.56
N MET B 36 -21.22 12.56 7.42
CA MET B 36 -20.18 11.60 6.99
C MET B 36 -19.82 11.77 5.50
N ALA B 37 -20.85 11.90 4.65
CA ALA B 37 -20.68 12.17 3.23
C ALA B 37 -19.86 13.46 3.05
N ASP B 38 -20.29 14.52 3.76
CA ASP B 38 -19.66 15.84 3.72
C ASP B 38 -18.19 15.79 4.16
N GLU B 39 -17.89 15.10 5.26
CA GLU B 39 -16.50 14.97 5.74
C GLU B 39 -15.62 14.26 4.72
N GLU B 40 -16.19 13.28 4.01
CA GLU B 40 -15.45 12.55 2.96
C GLU B 40 -15.14 13.42 1.74
N GLU B 41 -16.14 14.13 1.23
CA GLU B 41 -15.98 15.04 0.10
C GLU B 41 -14.96 16.14 0.46
N GLU B 42 -15.11 16.72 1.66
CA GLU B 42 -14.11 17.64 2.22
C GLU B 42 -12.67 17.08 2.26
N ALA B 43 -12.50 15.85 2.76
CA ALA B 43 -11.16 15.26 2.81
C ALA B 43 -10.63 15.00 1.41
N LYS B 44 -11.51 14.60 0.50
CA LYS B 44 -11.11 14.27 -0.86
C LYS B 44 -10.73 15.57 -1.59
N HIS B 45 -11.50 16.63 -1.35
CA HIS B 45 -11.19 17.95 -1.95
C HIS B 45 -9.82 18.44 -1.47
N VAL B 46 -9.53 18.29 -0.18
CA VAL B 46 -8.22 18.64 0.36
C VAL B 46 -7.08 17.84 -0.31
N LEU B 47 -7.26 16.52 -0.45
CA LEU B 47 -6.26 15.68 -1.08
C LEU B 47 -6.04 16.08 -2.52
N GLN B 48 -7.10 16.42 -3.25
CA GLN B 48 -6.96 16.81 -4.63
C GLN B 48 -6.17 18.13 -4.75
N LYS B 49 -6.45 19.08 -3.86
CA LYS B 49 -5.67 20.33 -3.83
C LYS B 49 -4.21 20.07 -3.53
N LEU B 50 -3.94 19.18 -2.58
CA LEU B 50 -2.57 18.86 -2.27
C LEU B 50 -1.91 18.15 -3.45
N GLN B 51 -2.65 17.26 -4.11
CA GLN B 51 -2.09 16.58 -5.29
C GLN B 51 -1.73 17.58 -6.36
N GLY B 52 -2.64 18.49 -6.65
CA GLY B 52 -2.36 19.51 -7.64
C GLY B 52 -1.09 20.30 -7.34
N LEU B 53 -0.98 20.79 -6.11
CA LEU B 53 0.21 21.55 -5.75
C LEU B 53 1.47 20.74 -6.06
N VAL B 54 1.52 19.47 -5.65
CA VAL B 54 2.71 18.69 -5.84
C VAL B 54 2.93 18.36 -7.32
N ASP B 55 1.85 18.05 -8.07
CA ASP B 55 1.98 17.76 -9.47
C ASP B 55 2.55 18.95 -10.22
N ARG B 56 2.13 20.16 -9.86
CA ARG B 56 2.64 21.36 -10.51
C ARG B 56 4.07 21.65 -10.15
N LEU B 57 4.44 21.34 -8.91
CA LEU B 57 5.82 21.50 -8.49
C LEU B 57 6.72 20.55 -9.31
N TYR B 58 6.31 19.28 -9.47
CA TYR B 58 7.10 18.35 -10.24
C TYR B 58 7.12 18.69 -11.73
N CYS B 59 6.02 19.20 -12.27
CA CYS B 59 6.03 19.66 -13.66
C CYS B 59 6.96 20.88 -13.87
N PHE B 60 6.96 21.81 -12.90
CA PHE B 60 7.91 22.93 -12.95
C PHE B 60 9.34 22.41 -13.14
N ARG B 61 9.70 21.38 -12.38
CA ARG B 61 11.01 20.78 -12.48
C ARG B 61 11.19 19.96 -13.76
N ASP B 62 10.28 19.02 -14.02
CA ASP B 62 10.41 18.11 -15.14
C ASP B 62 10.35 18.79 -16.51
N SER B 63 9.63 19.92 -16.59
CA SER B 63 9.49 20.72 -17.82
C SER B 63 10.38 21.96 -17.85
N TYR B 64 11.23 22.15 -16.84
CA TYR B 64 12.02 23.36 -16.70
C TYR B 64 12.60 23.81 -18.02
N PHE B 65 13.17 22.90 -18.80
CA PHE B 65 13.76 23.30 -20.09
C PHE B 65 12.80 23.35 -21.26
N GLU B 66 11.53 23.02 -21.07
CA GLU B 66 10.53 23.43 -22.08
C GLU B 66 10.19 24.91 -21.94
N THR B 67 10.28 25.44 -20.71
CA THR B 67 9.80 26.78 -20.35
C THR B 67 10.93 27.76 -20.06
N HIS B 68 12.15 27.27 -20.00
CA HIS B 68 13.34 28.07 -19.77
C HIS B 68 14.35 27.65 -20.84
N SER B 69 15.24 28.55 -21.23
CA SER B 69 16.34 28.20 -22.15
C SER B 69 17.45 27.44 -21.42
N VAL B 70 18.29 26.76 -22.18
CA VAL B 70 19.44 26.04 -21.62
C VAL B 70 20.43 27.04 -21.01
N GLU B 71 20.39 28.29 -21.48
CA GLU B 71 21.15 29.37 -20.86
C GLU B 71 20.76 29.55 -19.39
N ASP B 72 19.52 29.27 -19.06
CA ASP B 72 19.07 29.37 -17.68
C ASP B 72 19.45 28.16 -16.80
N ALA B 73 20.17 27.17 -17.33
CA ALA B 73 20.38 25.93 -16.59
C ALA B 73 20.99 26.15 -15.23
N GLY B 74 21.91 27.10 -15.11
CA GLY B 74 22.56 27.36 -13.82
C GLY B 74 21.63 27.87 -12.72
N ARG B 75 20.40 28.21 -13.08
CA ARG B 75 19.44 28.77 -12.14
C ARG B 75 18.40 27.72 -11.74
N LYS B 76 18.40 26.56 -12.39
CA LYS B 76 17.35 25.55 -12.20
C LYS B 76 17.20 25.16 -10.75
N GLN B 77 18.29 24.83 -10.08
CA GLN B 77 18.18 24.20 -8.77
C GLN B 77 17.63 25.16 -7.75
N GLN B 78 18.09 26.40 -7.81
CA GLN B 78 17.55 27.44 -6.94
C GLN B 78 16.07 27.72 -7.25
N ASP B 79 15.70 27.80 -8.51
CA ASP B 79 14.30 28.01 -8.89
C ASP B 79 13.42 26.86 -8.34
N VAL B 80 13.91 25.63 -8.47
CA VAL B 80 13.15 24.49 -7.96
C VAL B 80 13.05 24.53 -6.44
N GLN B 81 14.14 24.87 -5.77
CA GLN B 81 14.16 25.03 -4.32
C GLN B 81 13.11 26.03 -3.88
N GLU B 82 13.04 27.17 -4.57
CA GLU B 82 12.08 28.20 -4.21
C GLU B 82 10.65 27.79 -4.51
N GLU B 83 10.43 27.12 -5.64
CA GLU B 83 9.08 26.63 -5.94
C GLU B 83 8.60 25.61 -4.91
N MET B 84 9.49 24.71 -4.50
CA MET B 84 9.22 23.77 -3.42
C MET B 84 8.81 24.47 -2.11
N GLU B 85 9.56 25.48 -1.71
CA GLU B 85 9.21 26.24 -0.49
C GLU B 85 7.86 26.93 -0.59
N LYS B 86 7.57 27.50 -1.76
CA LYS B 86 6.30 28.19 -1.99
C LYS B 86 5.17 27.17 -1.95
N THR B 87 5.39 26.03 -2.60
CA THR B 87 4.45 24.93 -2.60
C THR B 87 4.16 24.40 -1.19
N LEU B 88 5.20 24.15 -0.40
CA LEU B 88 5.02 23.66 0.97
C LEU B 88 4.20 24.63 1.83
N GLN B 89 4.40 25.90 1.62
CA GLN B 89 3.62 26.92 2.28
C GLN B 89 2.14 26.77 1.90
N GLN B 90 1.85 26.70 0.60
CA GLN B 90 0.47 26.51 0.18
C GLN B 90 -0.13 25.21 0.74
N MET B 91 0.63 24.13 0.74
CA MET B 91 0.16 22.85 1.27
C MET B 91 -0.22 22.96 2.74
N GLU B 92 0.57 23.70 3.52
CA GLU B 92 0.26 23.98 4.91
C GLU B 92 -1.11 24.68 5.01
N GLU B 93 -1.35 25.66 4.14
CA GLU B 93 -2.62 26.40 4.17
C GLU B 93 -3.79 25.54 3.73
N VAL B 94 -3.63 24.78 2.65
CA VAL B 94 -4.70 23.93 2.15
C VAL B 94 -5.11 22.89 3.19
N LEU B 95 -4.16 22.33 3.92
CA LEU B 95 -4.45 21.30 4.93
C LEU B 95 -5.10 21.88 6.14
N GLY B 96 -4.66 23.07 6.52
CA GLY B 96 -5.18 23.72 7.70
C GLY B 96 -5.05 22.81 8.91
N SER B 97 -6.10 22.77 9.73
CA SER B 97 -6.14 21.89 10.88
C SER B 97 -6.81 20.54 10.56
N ALA B 98 -6.95 20.17 9.28
CA ALA B 98 -7.56 18.88 8.89
C ALA B 98 -6.72 17.68 9.35
N GLN B 99 -7.40 16.57 9.61
CA GLN B 99 -6.74 15.30 9.92
C GLN B 99 -5.85 14.90 8.78
N VAL B 100 -4.72 14.26 9.12
CA VAL B 100 -3.65 14.03 8.21
C VAL B 100 -3.61 12.56 7.75
N GLU B 101 -4.12 12.35 6.54
CA GLU B 101 -4.19 11.02 5.97
C GLU B 101 -2.81 10.64 5.45
N ALA B 102 -2.61 9.34 5.25
CA ALA B 102 -1.39 8.79 4.68
C ALA B 102 -1.05 9.49 3.37
N GLN B 103 -2.05 9.75 2.53
CA GLN B 103 -1.76 10.44 1.28
C GLN B 103 -1.22 11.86 1.44
N ALA B 104 -1.65 12.56 2.48
CA ALA B 104 -1.20 13.91 2.76
C ALA B 104 0.26 13.89 3.21
N LEU B 105 0.61 12.93 4.06
CA LEU B 105 1.99 12.75 4.45
C LEU B 105 2.85 12.47 3.20
N MET B 106 2.40 11.58 2.35
CA MET B 106 3.11 11.22 1.14
C MET B 106 3.34 12.40 0.23
N LEU B 107 2.28 13.18 0.03
CA LEU B 107 2.37 14.35 -0.83
C LEU B 107 3.35 15.39 -0.28
N LYS B 108 3.39 15.56 1.03
CA LYS B 108 4.31 16.53 1.58
C LYS B 108 5.74 16.01 1.48
N GLY B 109 5.95 14.72 1.72
CA GLY B 109 7.27 14.18 1.59
C GLY B 109 7.76 14.20 0.14
N LYS B 110 6.84 13.98 -0.79
CA LYS B 110 7.16 14.04 -2.20
C LYS B 110 7.62 15.44 -2.57
N ALA B 111 6.94 16.46 -2.05
CA ALA B 111 7.33 17.85 -2.29
C ALA B 111 8.75 18.08 -1.77
N LEU B 112 9.02 17.61 -0.56
CA LEU B 112 10.31 17.77 0.08
C LEU B 112 11.44 17.00 -0.66
N ASN B 113 11.04 16.00 -1.43
CA ASN B 113 11.95 15.17 -2.22
C ASN B 113 12.11 15.62 -3.69
N VAL B 114 11.65 16.81 -4.03
CA VAL B 114 11.75 17.31 -5.41
C VAL B 114 13.15 17.78 -5.79
N THR B 115 14.01 18.08 -4.82
CA THR B 115 15.37 18.58 -5.12
C THR B 115 16.30 17.36 -5.11
N PRO B 116 17.55 17.52 -5.58
CA PRO B 116 18.52 16.42 -5.52
C PRO B 116 18.92 16.00 -4.10
N ASP B 117 18.67 16.85 -3.12
CA ASP B 117 19.16 16.63 -1.77
C ASP B 117 18.32 15.63 -1.00
N TYR B 118 18.99 14.85 -0.17
CA TYR B 118 18.39 14.05 0.84
C TYR B 118 17.65 14.93 1.87
N SER B 119 16.39 14.62 2.14
CA SER B 119 15.56 15.29 3.09
C SER B 119 15.14 14.35 4.24
N PRO B 120 15.71 14.57 5.41
CA PRO B 120 15.28 13.81 6.57
C PRO B 120 13.81 14.03 6.88
N GLU B 121 13.28 15.22 6.63
CA GLU B 121 11.86 15.45 6.87
C GLU B 121 11.02 14.56 5.94
N ALA B 122 11.40 14.47 4.66
CA ALA B 122 10.74 13.57 3.73
C ALA B 122 10.82 12.15 4.21
N GLU B 123 11.99 11.73 4.71
CA GLU B 123 12.11 10.37 5.26
C GLU B 123 11.10 10.08 6.39
N VAL B 124 11.00 10.99 7.34
CA VAL B 124 10.05 10.85 8.46
C VAL B 124 8.60 10.78 8.00
N LEU B 125 8.21 11.74 7.16
CA LEU B 125 6.84 11.80 6.66
C LEU B 125 6.46 10.56 5.83
N LEU B 126 7.35 10.14 4.92
CA LEU B 126 7.11 9.04 4.10
C LEU B 126 7.14 7.71 4.85
N SER B 127 7.99 7.58 5.88
CA SER B 127 8.01 6.37 6.71
C SER B 127 6.71 6.21 7.50
N LYS B 128 6.17 7.33 7.97
CA LYS B 128 4.83 7.37 8.54
C LYS B 128 3.74 7.01 7.54
N ALA B 129 3.78 7.58 6.33
CA ALA B 129 2.79 7.27 5.30
C ALA B 129 2.66 5.78 5.01
N VAL B 130 3.79 5.09 4.89
CA VAL B 130 3.75 3.65 4.59
C VAL B 130 3.32 2.80 5.81
N LYS B 131 3.45 3.31 7.02
CA LYS B 131 2.86 2.64 8.18
C LYS B 131 1.33 2.86 8.27
N LEU B 132 0.84 4.03 7.87
CA LEU B 132 -0.62 4.29 7.84
C LEU B 132 -1.31 3.67 6.63
N GLU B 133 -0.61 3.48 5.51
CA GLU B 133 -1.18 2.82 4.35
C GLU B 133 -0.08 2.01 3.64
N PRO B 134 0.15 0.76 4.07
CA PRO B 134 1.24 -0.02 3.52
C PRO B 134 1.10 -0.31 2.07
N GLU B 135 -0.09 -0.18 1.51
CA GLU B 135 -0.28 -0.41 0.07
C GLU B 135 -0.07 0.84 -0.78
N LEU B 136 0.33 1.97 -0.18
CA LEU B 136 0.49 3.22 -0.95
C LEU B 136 1.85 3.19 -1.67
N VAL B 137 1.81 2.70 -2.89
CA VAL B 137 2.98 2.42 -3.69
C VAL B 137 3.82 3.66 -3.89
N GLU B 138 3.16 4.78 -4.21
CA GLU B 138 3.87 6.03 -4.38
C GLU B 138 4.64 6.43 -3.13
N ALA B 139 4.11 6.17 -1.93
CA ALA B 139 4.88 6.49 -0.73
C ALA B 139 6.12 5.61 -0.61
N TRP B 140 5.98 4.33 -0.90
CA TRP B 140 7.17 3.46 -0.96
C TRP B 140 8.20 3.92 -2.00
N ASN B 141 7.77 4.38 -3.18
CA ASN B 141 8.72 4.79 -4.19
C ASN B 141 9.45 6.06 -3.80
N GLN B 142 8.74 7.03 -3.26
CA GLN B 142 9.33 8.24 -2.75
C GLN B 142 10.29 7.98 -1.61
N LEU B 143 9.91 7.14 -0.66
CA LEU B 143 10.75 6.80 0.45
C LEU B 143 12.04 6.15 -0.04
N GLY B 144 11.94 5.29 -1.06
CA GLY B 144 13.11 4.68 -1.63
C GLY B 144 14.04 5.67 -2.29
N GLU B 145 13.48 6.66 -2.97
CA GLU B 145 14.27 7.69 -3.57
C GLU B 145 14.95 8.50 -2.50
N VAL B 146 14.26 8.75 -1.40
CA VAL B 146 14.86 9.51 -0.32
C VAL B 146 16.05 8.71 0.26
N TYR B 147 15.84 7.42 0.52
CA TYR B 147 16.96 6.57 0.95
C TYR B 147 18.14 6.55 0.00
N TRP B 148 17.85 6.42 -1.27
CA TRP B 148 18.86 6.53 -2.28
C TRP B 148 19.67 7.84 -2.16
N LYS B 149 19.00 8.98 -2.01
CA LYS B 149 19.71 10.25 -1.90
C LYS B 149 20.53 10.30 -0.61
N LYS B 150 20.06 9.62 0.42
CA LYS B 150 20.77 9.54 1.67
C LYS B 150 22.02 8.71 1.52
N GLY B 151 22.17 7.94 0.46
CA GLY B 151 23.31 7.02 0.30
C GLY B 151 23.00 5.61 0.76
N ASP B 152 21.75 5.32 1.14
CA ASP B 152 21.36 4.01 1.64
C ASP B 152 20.66 3.18 0.55
N VAL B 153 21.48 2.58 -0.31
CA VAL B 153 21.03 1.88 -1.48
C VAL B 153 20.22 0.65 -1.10
N THR B 154 20.65 -0.05 -0.07
CA THR B 154 19.98 -1.24 0.40
C THR B 154 18.56 -0.94 0.83
N SER B 155 18.36 0.10 1.63
CA SER B 155 17.02 0.51 2.03
C SER B 155 16.21 1.00 0.84
N ALA B 156 16.84 1.70 -0.08
CA ALA B 156 16.14 2.11 -1.27
C ALA B 156 15.60 0.90 -2.02
N HIS B 157 16.45 -0.12 -2.16
CA HIS B 157 16.09 -1.34 -2.83
C HIS B 157 14.93 -2.07 -2.11
N THR B 158 15.01 -2.15 -0.80
CA THR B 158 13.92 -2.74 -0.02
C THR B 158 12.60 -2.02 -0.29
N CYS B 159 12.64 -0.69 -0.37
CA CYS B 159 11.43 0.08 -0.70
C CYS B 159 10.84 -0.21 -2.05
N PHE B 160 11.68 -0.24 -3.08
CA PHE B 160 11.17 -0.48 -4.41
C PHE B 160 10.64 -1.93 -4.57
N SER B 161 11.39 -2.90 -4.06
CA SER B 161 10.97 -4.29 -4.06
C SER B 161 9.66 -4.47 -3.30
N GLY B 162 9.62 -3.89 -2.10
CA GLY B 162 8.44 -3.88 -1.27
C GLY B 162 7.19 -3.36 -1.97
N ALA B 163 7.31 -2.23 -2.65
CA ALA B 163 6.22 -1.67 -3.45
C ALA B 163 5.71 -2.67 -4.44
N LEU B 164 6.62 -3.37 -5.10
CA LEU B 164 6.22 -4.31 -6.12
C LEU B 164 5.52 -5.55 -5.55
N THR B 165 5.64 -5.83 -4.26
CA THR B 165 4.89 -6.93 -3.67
C THR B 165 3.40 -6.55 -3.50
N HIS B 166 3.06 -5.27 -3.67
CA HIS B 166 1.70 -4.77 -3.53
C HIS B 166 1.04 -4.52 -4.86
N CYS B 167 1.76 -3.90 -5.78
CA CYS B 167 1.23 -3.56 -7.09
C CYS B 167 2.36 -3.38 -8.11
N LYS B 168 2.23 -4.04 -9.25
CA LYS B 168 3.17 -3.85 -10.34
C LYS B 168 2.96 -2.46 -10.87
N ASN B 169 4.03 -1.70 -10.96
CA ASN B 169 3.90 -0.32 -11.31
C ASN B 169 5.22 0.19 -11.88
N LYS B 170 5.10 1.13 -12.79
CA LYS B 170 6.19 1.59 -13.64
C LYS B 170 7.34 2.22 -12.85
N VAL B 171 7.01 3.07 -11.87
CA VAL B 171 7.99 3.80 -11.13
C VAL B 171 8.84 2.86 -10.28
N SER B 172 8.20 1.88 -9.63
CA SER B 172 8.98 0.93 -8.86
C SER B 172 9.96 0.17 -9.77
N LEU B 173 9.49 -0.26 -10.93
CA LEU B 173 10.34 -1.04 -11.87
C LEU B 173 11.51 -0.21 -12.37
N GLN B 174 11.24 1.02 -12.75
CA GLN B 174 12.29 2.01 -13.07
C GLN B 174 13.32 2.15 -11.96
N ASN B 175 12.86 2.48 -10.75
CA ASN B 175 13.76 2.68 -9.64
C ASN B 175 14.52 1.41 -9.29
N LEU B 176 13.87 0.27 -9.37
CA LEU B 176 14.52 -1.01 -9.05
C LEU B 176 15.65 -1.26 -10.05
N SER B 177 15.38 -1.02 -11.31
CA SER B 177 16.42 -1.12 -12.35
C SER B 177 17.60 -0.25 -11.99
N MET B 178 17.32 1.00 -11.62
CA MET B 178 18.37 1.97 -11.27
C MET B 178 19.20 1.52 -10.11
N VAL B 179 18.56 1.04 -9.04
CA VAL B 179 19.29 0.60 -7.86
C VAL B 179 20.08 -0.67 -8.07
N LEU B 180 19.53 -1.57 -8.85
CA LEU B 180 20.21 -2.84 -9.10
C LEU B 180 21.58 -2.70 -9.77
N ARG B 181 21.72 -1.81 -10.73
CA ARG B 181 23.01 -1.66 -11.43
C ARG B 181 24.02 -0.94 -10.57
N GLN B 182 23.62 -0.55 -9.37
CA GLN B 182 24.46 0.26 -8.50
C GLN B 182 24.71 -0.36 -7.12
N LEU B 183 24.20 -1.57 -6.88
CA LEU B 183 24.42 -2.23 -5.57
C LEU B 183 25.92 -2.62 -5.40
N GLN B 184 26.49 -2.33 -4.23
CA GLN B 184 27.88 -2.63 -3.99
C GLN B 184 27.97 -4.10 -3.54
N THR B 185 28.89 -4.84 -4.16
CA THR B 185 29.13 -6.23 -3.78
C THR B 185 30.54 -6.69 -4.09
N ASP B 186 31.14 -7.38 -3.13
CA ASP B 186 32.48 -7.97 -3.29
C ASP B 186 32.56 -9.13 -4.31
N SER B 187 31.40 -9.65 -4.70
CA SER B 187 31.32 -10.87 -5.49
C SER B 187 31.00 -10.50 -6.91
N GLY B 188 31.85 -10.92 -7.84
CA GLY B 188 31.64 -10.67 -9.27
C GLY B 188 30.38 -11.30 -9.82
N ASP B 189 30.04 -12.51 -9.36
CA ASP B 189 28.85 -13.21 -9.83
C ASP B 189 27.58 -12.53 -9.36
N GLU B 190 27.59 -12.04 -8.13
CA GLU B 190 26.48 -11.27 -7.58
C GLU B 190 26.22 -10.03 -8.42
N HIS B 191 27.29 -9.30 -8.69
CA HIS B 191 27.21 -8.10 -9.48
C HIS B 191 26.67 -8.39 -10.89
N SER B 192 27.14 -9.46 -11.54
CA SER B 192 26.66 -9.79 -12.89
C SER B 192 25.16 -10.09 -12.91
N ARG B 193 24.71 -10.78 -11.88
CA ARG B 193 23.28 -11.09 -11.71
C ARG B 193 22.47 -9.80 -11.50
N HIS B 194 22.98 -8.89 -10.68
CA HIS B 194 22.33 -7.59 -10.50
C HIS B 194 22.23 -6.79 -11.81
N VAL B 195 23.30 -6.83 -12.60
CA VAL B 195 23.29 -6.12 -13.87
C VAL B 195 22.24 -6.74 -14.78
N MET B 196 22.19 -8.06 -14.83
CA MET B 196 21.21 -8.70 -15.68
C MET B 196 19.81 -8.41 -15.18
N ASP B 197 19.63 -8.46 -13.88
CA ASP B 197 18.34 -8.13 -13.31
C ASP B 197 17.97 -6.66 -13.61
N SER B 198 18.97 -5.79 -13.66
CA SER B 198 18.71 -4.40 -13.97
C SER B 198 18.06 -4.25 -15.34
N VAL B 199 18.52 -5.06 -16.30
CA VAL B 199 17.96 -5.04 -17.65
C VAL B 199 16.55 -5.58 -17.66
N ARG B 200 16.37 -6.74 -17.04
CA ARG B 200 15.05 -7.35 -16.90
C ARG B 200 14.00 -6.37 -16.34
N GLN B 201 14.32 -5.68 -15.25
CA GLN B 201 13.36 -4.77 -14.61
C GLN B 201 13.11 -3.55 -15.51
N ALA B 202 14.15 -3.06 -16.18
CA ALA B 202 14.00 -1.92 -17.05
C ALA B 202 13.07 -2.28 -18.21
N LYS B 203 13.20 -3.49 -18.72
CA LYS B 203 12.31 -3.92 -19.78
C LYS B 203 10.88 -4.06 -19.31
N LEU B 204 10.66 -4.62 -18.12
CA LEU B 204 9.31 -4.64 -17.59
C LEU B 204 8.73 -3.21 -17.49
N ALA B 205 9.55 -2.24 -17.05
CA ALA B 205 9.10 -0.85 -16.91
C ALA B 205 8.68 -0.30 -18.23
N VAL B 206 9.52 -0.50 -19.24
CA VAL B 206 9.25 0.03 -20.57
C VAL B 206 7.93 -0.51 -21.08
N GLN B 207 7.76 -1.82 -20.95
CA GLN B 207 6.60 -2.50 -21.49
C GLN B 207 5.31 -1.94 -20.89
N MET B 208 5.34 -1.49 -19.63
CA MET B 208 4.14 -0.84 -19.06
C MET B 208 3.74 0.46 -19.74
N ASP B 209 4.66 1.14 -20.40
CA ASP B 209 4.32 2.38 -21.10
C ASP B 209 5.48 2.74 -21.99
N VAL B 210 5.40 2.33 -23.25
CA VAL B 210 6.51 2.52 -24.14
C VAL B 210 6.68 4.01 -24.50
N LEU B 211 5.76 4.87 -24.08
CA LEU B 211 5.90 6.28 -24.41
C LEU B 211 6.64 7.06 -23.29
N ASP B 212 7.07 6.36 -22.24
CA ASP B 212 7.80 7.03 -21.13
C ASP B 212 9.30 7.05 -21.39
N GLY B 213 9.83 8.24 -21.62
CA GLY B 213 11.19 8.45 -22.01
C GLY B 213 12.15 8.07 -20.92
N ARG B 214 11.70 8.20 -19.68
CA ARG B 214 12.54 7.87 -18.55
C ARG B 214 12.79 6.36 -18.53
N SER B 215 11.78 5.58 -18.90
CA SER B 215 11.92 4.13 -18.94
C SER B 215 12.93 3.71 -19.97
N TRP B 216 12.90 4.34 -21.13
CA TRP B 216 13.87 4.03 -22.15
C TRP B 216 15.31 4.42 -21.75
N TYR B 217 15.45 5.54 -21.08
CA TYR B 217 16.73 6.03 -20.61
C TYR B 217 17.27 5.01 -19.61
N ILE B 218 16.40 4.56 -18.71
CA ILE B 218 16.76 3.59 -17.71
C ILE B 218 17.19 2.25 -18.32
N LEU B 219 16.52 1.85 -19.37
CA LEU B 219 16.91 0.66 -20.11
C LEU B 219 18.25 0.82 -20.80
N GLY B 220 18.49 1.99 -21.39
CA GLY B 220 19.80 2.37 -21.88
C GLY B 220 20.93 2.18 -20.89
N ASN B 221 20.71 2.68 -19.69
CA ASN B 221 21.67 2.55 -18.62
C ASN B 221 21.92 1.09 -18.28
N ALA B 222 20.86 0.27 -18.27
CA ALA B 222 21.01 -1.15 -17.92
C ALA B 222 21.88 -1.84 -18.96
N TYR B 223 21.58 -1.61 -20.21
CA TYR B 223 22.42 -2.15 -21.29
C TYR B 223 23.82 -1.63 -21.25
N LEU B 224 23.98 -0.34 -20.91
CA LEU B 224 25.31 0.18 -20.76
C LEU B 224 26.10 -0.65 -19.74
N SER B 225 25.51 -0.94 -18.59
CA SER B 225 26.23 -1.72 -17.58
C SER B 225 26.46 -3.15 -18.05
N LEU B 226 25.46 -3.73 -18.72
CA LEU B 226 25.59 -5.06 -19.25
C LEU B 226 26.77 -5.10 -20.22
N TYR B 227 26.88 -4.07 -21.05
CA TYR B 227 27.93 -4.05 -22.04
C TYR B 227 29.31 -4.14 -21.37
N PHE B 228 29.50 -3.31 -20.35
CA PHE B 228 30.78 -3.26 -19.67
C PHE B 228 30.99 -4.44 -18.72
N ASN B 229 29.95 -5.19 -18.40
CA ASN B 229 30.11 -6.32 -17.49
C ASN B 229 30.38 -7.63 -18.19
N THR B 230 30.16 -7.70 -19.51
CA THR B 230 30.20 -8.97 -20.19
C THR B 230 31.08 -8.91 -21.43
N GLY B 231 32.16 -8.12 -21.36
CA GLY B 231 33.20 -8.16 -22.38
C GLY B 231 32.93 -7.31 -23.60
N GLN B 232 32.07 -6.30 -23.45
CA GLN B 232 31.93 -5.23 -24.44
C GLN B 232 31.48 -5.76 -25.80
N ASN B 233 30.41 -6.54 -25.80
CA ASN B 233 29.82 -7.01 -27.03
C ASN B 233 29.15 -5.83 -27.75
N PRO B 234 29.62 -5.49 -28.97
CA PRO B 234 29.05 -4.34 -29.69
C PRO B 234 27.52 -4.38 -29.94
N LYS B 235 26.93 -5.57 -29.92
CA LYS B 235 25.47 -5.70 -30.03
C LYS B 235 24.77 -5.08 -28.80
N ILE B 236 25.41 -5.15 -27.65
CA ILE B 236 24.83 -4.64 -26.42
C ILE B 236 24.95 -3.12 -26.36
N SER B 237 26.08 -2.58 -26.81
CA SER B 237 26.15 -1.14 -26.92
C SER B 237 25.11 -0.60 -27.90
N GLN B 238 24.90 -1.29 -29.01
CA GLN B 238 23.86 -0.87 -29.96
C GLN B 238 22.49 -0.88 -29.26
N GLN B 239 22.22 -1.85 -28.41
CA GLN B 239 20.95 -1.85 -27.70
C GLN B 239 20.86 -0.66 -26.74
N ALA B 240 21.96 -0.33 -26.08
CA ALA B 240 21.95 0.81 -25.20
C ALA B 240 21.69 2.09 -26.00
N LEU B 241 22.45 2.28 -27.07
CA LEU B 241 22.32 3.48 -27.89
C LEU B 241 20.91 3.58 -28.46
N SER B 242 20.38 2.45 -28.88
CA SER B 242 19.03 2.44 -29.46
C SER B 242 17.95 2.78 -28.39
N ALA B 243 18.15 2.35 -27.15
CA ALA B 243 17.25 2.71 -26.07
C ALA B 243 17.32 4.23 -25.75
N TYR B 244 18.50 4.81 -25.74
CA TYR B 244 18.61 6.23 -25.44
C TYR B 244 17.98 7.05 -26.54
N ALA B 245 18.18 6.61 -27.78
CA ALA B 245 17.62 7.31 -28.92
C ALA B 245 16.11 7.19 -28.85
N GLN B 246 15.60 6.06 -28.41
CA GLN B 246 14.16 5.89 -28.33
C GLN B 246 13.56 6.82 -27.25
N ALA B 247 14.30 7.02 -26.15
CA ALA B 247 13.91 7.97 -25.09
C ALA B 247 13.65 9.33 -25.66
N GLU B 248 14.60 9.82 -26.43
CA GLU B 248 14.48 11.12 -27.04
C GLU B 248 13.42 11.19 -28.13
N LYS B 249 13.30 10.11 -28.88
CA LYS B 249 12.28 10.05 -29.90
C LYS B 249 10.88 10.17 -29.32
N VAL B 250 10.56 9.45 -28.25
CA VAL B 250 9.16 9.41 -27.74
C VAL B 250 8.83 10.55 -26.81
N ASP B 251 9.84 11.23 -26.28
CA ASP B 251 9.63 12.16 -25.19
C ASP B 251 10.71 13.24 -25.22
N ARG B 252 10.34 14.43 -25.66
CA ARG B 252 11.28 15.55 -25.70
C ARG B 252 11.98 15.82 -24.35
N LYS B 253 11.33 15.55 -23.24
CA LYS B 253 11.99 15.75 -21.93
C LYS B 253 13.31 14.95 -21.76
N ALA B 254 13.40 13.76 -22.35
CA ALA B 254 14.64 12.95 -22.31
C ALA B 254 15.88 13.65 -22.97
N SER B 255 15.63 14.53 -23.93
CA SER B 255 16.74 15.29 -24.51
C SER B 255 17.32 16.31 -23.52
N SER B 256 16.64 16.58 -22.40
CA SER B 256 17.13 17.50 -21.36
C SER B 256 17.61 16.77 -20.11
N ASN B 257 17.79 15.47 -20.23
CA ASN B 257 18.38 14.67 -19.17
C ASN B 257 19.92 14.66 -19.25
N PRO B 258 20.64 15.34 -18.33
CA PRO B 258 22.08 15.41 -18.47
C PRO B 258 22.74 14.04 -18.38
N ASP B 259 22.17 13.14 -17.59
CA ASP B 259 22.76 11.84 -17.38
C ASP B 259 22.65 11.01 -18.66
N LEU B 260 21.59 11.20 -19.44
CA LEU B 260 21.46 10.46 -20.69
C LEU B 260 22.60 10.86 -21.64
N HIS B 261 22.83 12.15 -21.77
CA HIS B 261 23.88 12.64 -22.64
C HIS B 261 25.26 12.16 -22.22
N LEU B 262 25.53 12.24 -20.92
CA LEU B 262 26.78 11.76 -20.40
C LEU B 262 26.99 10.25 -20.55
N ASN B 263 25.99 9.45 -20.16
CA ASN B 263 26.11 8.01 -20.28
C ASN B 263 26.26 7.56 -21.71
N ARG B 264 25.50 8.11 -22.64
CA ARG B 264 25.72 7.78 -24.04
C ARG B 264 27.13 8.21 -24.56
N ALA B 265 27.56 9.38 -24.12
CA ALA B 265 28.86 9.91 -24.53
C ALA B 265 29.97 8.99 -24.04
N THR B 266 29.87 8.45 -22.83
CA THR B 266 30.92 7.58 -22.32
C THR B 266 31.00 6.31 -23.17
N LEU B 267 29.85 5.84 -23.65
CA LEU B 267 29.82 4.71 -24.56
C LEU B 267 30.46 5.03 -25.92
N HIS B 268 30.06 6.13 -26.51
CA HIS B 268 30.65 6.61 -27.74
C HIS B 268 32.17 6.75 -27.61
N LYS B 269 32.61 7.31 -26.49
CA LYS B 269 34.03 7.52 -26.26
C LYS B 269 34.76 6.19 -26.31
N TYR B 270 34.22 5.21 -25.58
CA TYR B 270 34.86 3.91 -25.46
C TYR B 270 34.97 3.21 -26.80
N GLU B 271 33.99 3.41 -27.65
CA GLU B 271 34.01 2.82 -28.99
C GLU B 271 34.61 3.77 -30.04
N GLU B 272 35.13 4.90 -29.61
CA GLU B 272 35.87 5.81 -30.50
C GLU B 272 35.01 6.57 -31.51
N SER B 273 33.74 6.78 -31.20
CA SER B 273 32.95 7.82 -31.88
C SER B 273 33.18 9.13 -31.16
N TYR B 274 34.34 9.73 -31.43
CA TYR B 274 34.82 10.79 -30.59
C TYR B 274 34.04 12.10 -30.74
N GLY B 275 33.62 12.42 -31.95
CA GLY B 275 32.78 13.64 -32.19
C GLY B 275 31.44 13.54 -31.44
N GLU B 276 30.84 12.36 -31.49
CA GLU B 276 29.60 12.12 -30.75
C GLU B 276 29.83 12.18 -29.25
N ALA B 277 30.96 11.66 -28.77
CA ALA B 277 31.28 11.73 -27.35
C ALA B 277 31.38 13.18 -26.92
N LEU B 278 32.06 13.99 -27.72
CA LEU B 278 32.32 15.35 -27.37
C LEU B 278 31.00 16.15 -27.32
N GLU B 279 30.14 15.93 -28.32
CA GLU B 279 28.83 16.58 -28.31
C GLU B 279 28.05 16.19 -27.06
N GLY B 280 28.10 14.91 -26.70
CA GLY B 280 27.35 14.39 -25.59
C GLY B 280 27.78 15.00 -24.25
N PHE B 281 29.09 15.06 -24.03
CA PHE B 281 29.61 15.71 -22.83
C PHE B 281 29.25 17.18 -22.77
N SER B 282 29.36 17.82 -23.93
CA SER B 282 29.11 19.25 -23.99
C SER B 282 27.66 19.56 -23.63
N GLN B 283 26.76 18.70 -24.13
CA GLN B 283 25.34 18.90 -23.94
C GLN B 283 24.99 18.63 -22.48
N ALA B 284 25.59 17.59 -21.90
CA ALA B 284 25.37 17.29 -20.49
C ALA B 284 25.85 18.48 -19.62
N ALA B 285 26.99 19.08 -19.99
CA ALA B 285 27.55 20.24 -19.26
C ALA B 285 26.63 21.45 -19.32
N ALA B 286 26.09 21.71 -20.52
CA ALA B 286 25.14 22.79 -20.74
C ALA B 286 23.87 22.58 -19.90
N LEU B 287 23.39 21.35 -19.82
CA LEU B 287 22.20 21.06 -19.02
C LEU B 287 22.40 21.17 -17.50
N ASP B 288 23.61 21.00 -17.00
CA ASP B 288 23.91 21.13 -15.56
C ASP B 288 25.33 21.75 -15.38
N PRO B 289 25.41 23.08 -15.48
CA PRO B 289 26.71 23.72 -15.41
C PRO B 289 27.47 23.57 -14.08
N ALA B 290 26.78 23.21 -13.01
CA ALA B 290 27.45 23.00 -11.73
C ALA B 290 28.05 21.59 -11.62
N TRP B 291 27.81 20.74 -12.61
CA TRP B 291 28.27 19.35 -12.59
C TRP B 291 29.64 19.20 -13.23
N PRO B 292 30.66 18.86 -12.42
CA PRO B 292 32.01 18.89 -13.02
C PRO B 292 32.26 17.81 -14.06
N GLU B 293 31.74 16.61 -13.82
CA GLU B 293 32.11 15.46 -14.61
C GLU B 293 32.07 15.68 -16.12
N PRO B 294 30.97 16.16 -16.70
CA PRO B 294 30.98 16.26 -18.16
C PRO B 294 31.94 17.27 -18.71
N GLN B 295 32.16 18.36 -17.97
CA GLN B 295 33.12 19.34 -18.40
C GLN B 295 34.53 18.76 -18.32
N GLN B 296 34.80 18.01 -17.25
CA GLN B 296 36.11 17.36 -17.11
C GLN B 296 36.31 16.34 -18.21
N ARG B 297 35.29 15.51 -18.47
CA ARG B 297 35.38 14.51 -19.54
C ARG B 297 35.61 15.17 -20.88
N GLU B 298 34.90 16.26 -21.16
CA GLU B 298 35.08 16.96 -22.43
C GLU B 298 36.51 17.53 -22.53
N GLN B 299 36.98 18.15 -21.45
CA GLN B 299 38.34 18.77 -21.42
C GLN B 299 39.42 17.71 -21.63
N GLN B 300 39.26 16.56 -20.94
CA GLN B 300 40.20 15.45 -21.09
C GLN B 300 40.20 14.89 -22.49
N LEU B 301 39.04 14.75 -23.10
CA LEU B 301 39.02 14.18 -24.43
C LEU B 301 39.62 15.16 -25.42
N LEU B 302 39.30 16.45 -25.29
CA LEU B 302 39.89 17.44 -26.21
C LEU B 302 41.40 17.50 -26.08
N GLU B 303 41.89 17.34 -24.84
CA GLU B 303 43.32 17.36 -24.57
C GLU B 303 43.97 16.11 -25.16
N PHE B 304 43.31 14.97 -25.05
CA PHE B 304 43.78 13.75 -25.69
C PHE B 304 43.88 13.94 -27.21
N LEU B 305 42.84 14.45 -27.82
CA LEU B 305 42.79 14.52 -29.28
C LEU B 305 43.79 15.53 -29.85
N SER B 306 43.98 16.66 -29.15
CA SER B 306 45.00 17.65 -29.54
C SER B 306 46.40 17.07 -29.47
N ARG B 307 46.73 16.43 -28.34
CA ARG B 307 48.08 15.86 -28.15
C ARG B 307 48.29 14.77 -29.16
N LEU B 308 47.30 13.89 -29.32
CA LEU B 308 47.45 12.79 -30.25
C LEU B 308 47.71 13.31 -31.65
N THR B 309 46.88 14.21 -32.15
CA THR B 309 47.05 14.65 -33.54
C THR B 309 48.36 15.42 -33.75
N SER B 310 48.76 16.24 -32.79
CA SER B 310 50.11 16.86 -32.82
C SER B 310 51.24 15.81 -32.89
N LEU B 311 51.19 14.81 -32.01
CA LEU B 311 52.21 13.76 -31.99
C LEU B 311 52.19 12.88 -33.26
N LEU B 312 51.01 12.57 -33.78
CA LEU B 312 50.96 11.83 -35.05
C LEU B 312 51.63 12.67 -36.16
N GLU B 313 51.27 13.95 -36.28
CA GLU B 313 51.77 14.80 -37.36
C GLU B 313 53.30 14.99 -37.26
N SER B 314 53.84 15.03 -36.04
CA SER B 314 55.28 15.24 -35.82
C SER B 314 56.06 13.92 -35.75
N LYS B 315 55.34 12.80 -35.87
CA LYS B 315 55.88 11.49 -35.57
C LYS B 315 56.66 11.45 -34.25
N GLY B 316 56.02 11.93 -33.18
CA GLY B 316 56.61 11.90 -31.86
C GLY B 316 57.77 12.88 -31.73
N LYS B 317 57.75 13.93 -32.54
CA LYS B 317 58.87 14.90 -32.60
C LYS B 317 60.20 14.21 -32.92
N THR B 318 60.15 13.23 -33.83
CA THR B 318 61.36 12.45 -34.18
C THR B 318 61.94 12.94 -35.49
N LYS B 319 63.26 13.17 -35.54
CA LYS B 319 63.89 13.64 -36.78
C LYS B 319 63.90 12.51 -37.85
N PRO B 320 63.86 12.88 -39.14
CA PRO B 320 63.88 11.90 -40.26
C PRO B 320 65.02 10.86 -40.20
N LYS B 321 66.21 11.31 -39.84
CA LYS B 321 67.37 10.42 -39.70
C LYS B 321 67.07 9.33 -38.66
N LYS B 322 66.50 9.74 -37.52
CA LYS B 322 66.29 8.79 -36.42
C LYS B 322 65.18 7.81 -36.78
N LEU B 323 64.20 8.28 -37.56
CA LEU B 323 63.08 7.42 -38.00
C LEU B 323 63.61 6.34 -38.93
N GLN B 324 64.45 6.74 -39.88
CA GLN B 324 65.02 5.77 -40.79
C GLN B 324 65.81 4.73 -40.00
N SER B 325 66.70 5.18 -39.13
CA SER B 325 67.44 4.27 -38.25
C SER B 325 66.51 3.28 -37.49
N MET B 326 65.44 3.79 -36.93
CA MET B 326 64.51 2.94 -36.18
C MET B 326 63.88 1.88 -37.09
N LEU B 327 63.38 2.34 -38.24
CA LEU B 327 62.76 1.49 -39.25
C LEU B 327 63.70 0.39 -39.78
N GLY B 328 64.99 0.70 -39.87
CA GLY B 328 65.99 -0.24 -40.31
C GLY B 328 66.34 -1.30 -39.27
N SER B 329 66.05 -1.02 -37.99
CA SER B 329 66.28 -1.99 -36.94
C SER B 329 65.25 -3.16 -37.02
N LEU B 330 64.22 -3.03 -37.87
CA LEU B 330 63.18 -4.07 -38.01
C LEU B 330 63.68 -5.31 -38.76
N ARG B 331 63.12 -6.47 -38.39
CA ARG B 331 63.52 -7.79 -38.93
C ARG B 331 62.31 -8.75 -39.06
N PRO B 332 62.51 -9.96 -39.66
CA PRO B 332 61.43 -10.96 -39.64
C PRO B 332 61.09 -11.44 -38.23
N ALA B 333 62.11 -11.69 -37.40
CA ALA B 333 61.92 -12.26 -36.04
C ALA B 333 61.05 -11.41 -35.11
N HIS B 334 60.84 -10.14 -35.45
CA HIS B 334 59.96 -9.27 -34.62
C HIS B 334 58.48 -9.58 -34.79
N LEU B 335 58.11 -10.28 -35.88
CA LEU B 335 56.77 -10.86 -36.02
C LEU B 335 56.50 -11.90 -34.94
N GLY B 336 57.57 -12.56 -34.47
CA GLY B 336 57.50 -13.57 -33.43
C GLY B 336 56.56 -14.73 -33.75
N PRO B 337 55.55 -14.95 -32.88
CA PRO B 337 54.42 -15.88 -33.08
C PRO B 337 53.68 -15.79 -34.44
N CYS B 338 53.41 -14.56 -34.91
CA CYS B 338 52.72 -14.32 -36.19
C CYS B 338 53.54 -14.85 -37.37
N GLY B 339 54.81 -14.47 -37.41
CA GLY B 339 55.72 -14.89 -38.47
C GLY B 339 56.17 -16.35 -38.37
N ASP B 340 55.96 -16.97 -37.21
CA ASP B 340 56.34 -18.37 -36.98
C ASP B 340 55.23 -19.35 -37.35
N GLY B 341 54.08 -18.84 -37.78
CA GLY B 341 52.96 -19.70 -38.14
C GLY B 341 52.52 -20.57 -36.98
N ARG B 342 52.54 -20.01 -35.78
CA ARG B 342 52.00 -20.65 -34.58
C ARG B 342 50.98 -19.69 -33.92
N TYR B 343 50.28 -18.93 -34.77
CA TYR B 343 49.19 -18.03 -34.38
C TYR B 343 47.82 -18.67 -34.63
N GLN B 344 46.80 -18.24 -33.86
CA GLN B 344 45.41 -18.68 -34.07
C GLN B 344 44.52 -17.51 -34.53
N GLN B 349 41.31 -21.10 -37.36
CA GLN B 349 42.32 -20.79 -36.36
C GLN B 349 43.67 -20.48 -37.01
N LYS B 350 44.33 -21.51 -37.54
CA LYS B 350 45.75 -21.43 -37.93
C LYS B 350 45.99 -20.81 -39.32
N MET B 351 45.75 -19.50 -39.41
CA MET B 351 46.03 -18.71 -40.63
C MET B 351 47.42 -18.11 -40.50
N THR B 352 48.31 -18.36 -41.46
CA THR B 352 49.64 -17.74 -41.44
C THR B 352 49.50 -16.38 -42.12
N LEU B 353 49.89 -15.31 -41.42
CA LEU B 353 49.46 -13.96 -41.79
C LEU B 353 50.52 -13.20 -42.60
N GLU B 354 50.06 -12.40 -43.58
CA GLU B 354 50.95 -11.64 -44.49
C GLU B 354 51.24 -10.19 -44.01
N LEU B 355 52.52 -9.80 -44.13
CA LEU B 355 52.96 -8.47 -43.71
C LEU B 355 52.58 -7.44 -44.76
N LYS B 356 51.83 -6.41 -44.36
CA LYS B 356 51.39 -5.36 -45.29
C LYS B 356 51.57 -3.97 -44.64
N PRO B 357 51.75 -2.92 -45.48
CA PRO B 357 51.88 -1.58 -44.92
C PRO B 357 50.56 -1.04 -44.42
N LEU B 358 50.63 -0.21 -43.38
CA LEU B 358 49.45 0.49 -42.82
C LEU B 358 48.70 1.29 -43.88
N SER B 359 49.46 1.89 -44.80
CA SER B 359 48.89 2.68 -45.89
C SER B 359 48.00 1.85 -46.84
N THR B 360 48.20 0.51 -46.87
CA THR B 360 47.41 -0.38 -47.74
C THR B 360 46.15 -0.92 -47.06
N LEU B 361 45.99 -0.69 -45.75
CA LEU B 361 44.85 -1.25 -45.00
C LEU B 361 43.51 -0.61 -45.35
N GLN B 362 42.46 -1.43 -45.32
CA GLN B 362 41.09 -0.95 -45.51
C GLN B 362 40.43 -0.69 -44.15
N PRO B 363 39.37 0.14 -44.15
CA PRO B 363 38.61 0.33 -42.91
C PRO B 363 38.08 -1.00 -42.39
N GLY B 364 38.04 -1.14 -41.07
CA GLY B 364 37.57 -2.38 -40.44
C GLY B 364 38.68 -3.38 -40.22
N VAL B 365 38.30 -4.62 -39.92
CA VAL B 365 39.27 -5.69 -39.64
C VAL B 365 39.91 -6.11 -40.95
N ASN B 366 41.24 -6.25 -40.95
CA ASN B 366 41.99 -6.68 -42.14
C ASN B 366 42.45 -8.14 -41.97
N SER B 367 41.58 -9.08 -42.31
CA SER B 367 41.89 -10.51 -42.14
C SER B 367 43.07 -10.99 -42.98
N GLY B 368 43.85 -11.91 -42.42
CA GLY B 368 44.99 -12.53 -43.13
C GLY B 368 46.26 -11.69 -43.10
N THR B 369 46.17 -10.52 -42.47
CA THR B 369 47.17 -9.48 -42.57
C THR B 369 47.81 -9.23 -41.22
N VAL B 370 49.08 -8.80 -41.25
CA VAL B 370 49.77 -8.28 -40.08
C VAL B 370 50.51 -6.99 -40.48
N VAL B 371 50.69 -6.08 -39.53
CA VAL B 371 51.56 -4.91 -39.72
C VAL B 371 52.67 -4.93 -38.65
N LEU B 372 53.80 -4.32 -38.96
CA LEU B 372 54.96 -4.34 -38.10
C LEU B 372 55.65 -2.99 -38.20
N GLY B 373 55.76 -2.27 -37.09
CA GLY B 373 56.30 -0.92 -37.12
C GLY B 373 57.06 -0.62 -35.86
N LYS B 374 57.51 0.64 -35.75
CA LYS B 374 58.26 1.15 -34.60
C LYS B 374 57.41 2.17 -33.85
N VAL B 375 57.42 2.08 -32.52
CA VAL B 375 56.71 3.02 -31.69
C VAL B 375 57.46 4.35 -31.68
N VAL B 376 56.79 5.42 -32.10
CA VAL B 376 57.43 6.74 -32.09
C VAL B 376 56.99 7.61 -30.89
N PHE B 377 55.89 7.25 -30.23
CA PHE B 377 55.45 7.92 -29.01
C PHE B 377 54.36 7.11 -28.34
N SER B 378 54.00 7.55 -27.13
CA SER B 378 52.89 6.99 -26.41
C SER B 378 52.17 8.07 -25.60
N LEU B 379 50.91 7.79 -25.31
CA LEU B 379 49.99 8.76 -24.73
C LEU B 379 49.06 7.96 -23.80
N THR B 380 49.03 8.40 -22.54
CA THR B 380 48.16 7.77 -21.55
C THR B 380 46.95 8.67 -21.31
N THR B 381 45.96 8.10 -20.63
CA THR B 381 44.68 8.75 -20.43
C THR B 381 44.32 8.62 -18.94
N GLU B 382 43.65 9.63 -18.36
CA GLU B 382 43.33 9.58 -16.93
C GLU B 382 42.75 8.23 -16.52
N GLU B 383 41.90 7.64 -17.37
CA GLU B 383 41.25 6.36 -17.06
C GLU B 383 42.18 5.16 -17.21
N LYS B 384 43.37 5.36 -17.77
CA LYS B 384 44.39 4.31 -17.91
C LYS B 384 44.02 3.27 -18.98
N VAL B 385 42.93 3.48 -19.71
CA VAL B 385 42.53 2.63 -20.85
C VAL B 385 41.84 3.55 -21.88
N PRO B 386 42.18 3.41 -23.18
CA PRO B 386 43.17 2.50 -23.77
C PRO B 386 44.58 3.02 -23.56
N PHE B 387 45.57 2.14 -23.74
CA PHE B 387 46.95 2.60 -23.90
C PHE B 387 47.13 2.98 -25.37
N THR B 388 47.59 4.20 -25.62
CA THR B 388 47.66 4.72 -26.97
C THR B 388 49.12 4.97 -27.36
N PHE B 389 49.50 4.54 -28.55
CA PHE B 389 50.79 4.89 -29.07
C PHE B 389 50.76 5.16 -30.58
N GLY B 390 51.84 5.77 -31.05
CA GLY B 390 52.02 6.07 -32.46
C GLY B 390 52.93 5.05 -33.10
N LEU B 391 52.55 4.59 -34.29
CA LEU B 391 53.30 3.58 -35.01
C LEU B 391 53.64 4.04 -36.42
N VAL B 392 54.92 3.87 -36.80
CA VAL B 392 55.38 4.07 -38.18
C VAL B 392 55.94 2.76 -38.74
N ASP B 393 55.61 2.46 -39.99
CA ASP B 393 56.20 1.31 -40.69
C ASP B 393 56.73 1.69 -42.06
N SER B 394 56.96 2.98 -42.25
CA SER B 394 57.44 3.53 -43.50
C SER B 394 57.68 5.02 -43.30
N ASP B 395 58.16 5.69 -44.35
CA ASP B 395 58.22 7.15 -44.41
C ASP B 395 56.83 7.81 -44.46
N GLY B 396 55.76 7.04 -44.67
CA GLY B 396 54.39 7.55 -44.68
C GLY B 396 53.90 7.99 -43.30
N PRO B 397 52.65 8.48 -43.22
CA PRO B 397 52.03 8.96 -41.98
C PRO B 397 52.01 7.94 -40.85
N CYS B 398 52.09 8.49 -39.64
CA CYS B 398 52.09 7.72 -38.43
C CYS B 398 50.63 7.38 -38.12
N TYR B 399 50.39 6.19 -37.57
CA TYR B 399 49.05 5.77 -37.17
C TYR B 399 48.93 5.61 -35.67
N ALA B 400 47.78 5.96 -35.12
CA ALA B 400 47.52 5.74 -33.71
C ALA B 400 47.08 4.30 -33.48
N VAL B 401 47.49 3.75 -32.35
CA VAL B 401 47.09 2.41 -31.93
C VAL B 401 46.55 2.53 -30.53
N MET B 402 45.31 2.05 -30.35
CA MET B 402 44.67 2.07 -29.05
C MET B 402 44.50 0.65 -28.63
N VAL B 403 45.09 0.32 -27.48
CA VAL B 403 45.06 -1.02 -26.95
C VAL B 403 44.15 -1.06 -25.72
N TYR B 404 43.08 -1.84 -25.82
CA TYR B 404 42.10 -1.97 -24.74
C TYR B 404 42.39 -3.17 -23.85
N ASN B 405 41.63 -3.27 -22.76
CA ASN B 405 41.69 -4.41 -21.84
C ASN B 405 43.14 -4.64 -21.33
N VAL B 406 43.79 -3.54 -20.95
CA VAL B 406 45.17 -3.54 -20.45
C VAL B 406 45.23 -3.20 -18.96
N VAL B 407 46.19 -3.79 -18.25
CA VAL B 407 46.46 -3.41 -16.86
C VAL B 407 47.23 -2.10 -16.84
N GLN B 408 47.19 -1.42 -15.70
CA GLN B 408 47.81 -0.09 -15.56
C GLN B 408 49.30 -0.07 -15.88
N SER B 409 50.02 -1.11 -15.49
CA SER B 409 51.47 -1.15 -15.71
C SER B 409 51.89 -1.57 -17.12
N TRP B 410 50.96 -1.90 -18.02
CA TRP B 410 51.37 -2.41 -19.32
C TRP B 410 51.71 -1.26 -20.22
N GLY B 411 52.63 -1.47 -21.16
CA GLY B 411 52.91 -0.46 -22.17
C GLY B 411 53.90 -0.92 -23.22
N VAL B 412 54.20 -0.01 -24.15
CA VAL B 412 55.29 -0.15 -25.09
C VAL B 412 56.08 1.17 -25.09
N LEU B 413 57.37 1.08 -25.36
CA LEU B 413 58.27 2.24 -25.28
C LEU B 413 58.68 2.73 -26.66
N ILE B 414 59.07 4.00 -26.74
CA ILE B 414 59.62 4.56 -27.95
C ILE B 414 60.77 3.64 -28.37
N GLY B 415 60.80 3.23 -29.63
CA GLY B 415 61.84 2.34 -30.11
C GLY B 415 61.46 0.89 -30.18
N ASP B 416 60.41 0.48 -29.48
CA ASP B 416 59.94 -0.92 -29.55
C ASP B 416 59.42 -1.23 -30.93
N SER B 417 59.66 -2.47 -31.35
CA SER B 417 59.01 -3.06 -32.52
C SER B 417 57.69 -3.61 -32.06
N VAL B 418 56.62 -3.36 -32.82
CA VAL B 418 55.30 -3.92 -32.51
C VAL B 418 54.65 -4.49 -33.76
N ALA B 419 54.21 -5.76 -33.67
CA ALA B 419 53.42 -6.40 -34.73
C ALA B 419 51.97 -6.47 -34.26
N ILE B 420 51.03 -6.12 -35.16
CA ILE B 420 49.61 -6.22 -34.88
C ILE B 420 48.94 -7.14 -35.91
N PRO B 421 48.43 -8.30 -35.47
CA PRO B 421 47.75 -9.21 -36.39
C PRO B 421 46.37 -8.69 -36.70
N GLU B 422 45.98 -8.76 -37.97
CA GLU B 422 44.62 -8.45 -38.43
C GLU B 422 44.08 -7.11 -37.94
N PRO B 423 44.84 -6.04 -38.20
CA PRO B 423 44.53 -4.74 -37.65
C PRO B 423 43.12 -4.26 -37.99
N ASN B 424 42.47 -3.66 -37.00
CA ASN B 424 41.17 -3.02 -37.19
C ASN B 424 41.32 -1.51 -37.36
N LEU B 425 41.19 -1.04 -38.59
CA LEU B 425 41.54 0.33 -38.96
C LEU B 425 40.31 1.21 -38.97
N ARG B 426 40.44 2.42 -38.46
CA ARG B 426 39.37 3.41 -38.54
C ARG B 426 39.94 4.77 -38.88
N HIS B 427 39.20 5.52 -39.69
CA HIS B 427 39.58 6.88 -40.03
C HIS B 427 38.71 7.83 -39.25
N HIS B 428 39.31 8.82 -38.60
CA HIS B 428 38.57 9.77 -37.77
C HIS B 428 38.54 11.16 -38.39
N GLN B 429 37.36 11.78 -38.38
CA GLN B 429 37.19 13.15 -38.84
C GLN B 429 36.24 13.85 -37.88
N ILE B 430 36.79 14.59 -36.93
CA ILE B 430 36.04 15.16 -35.82
C ILE B 430 36.04 16.69 -35.96
N ARG B 431 34.87 17.28 -35.80
CA ARG B 431 34.68 18.72 -35.82
C ARG B 431 33.89 19.12 -34.59
N HIS B 432 34.48 19.93 -33.73
CA HIS B 432 33.85 20.28 -32.45
C HIS B 432 34.24 21.69 -32.02
N LYS B 433 33.23 22.52 -31.84
CA LYS B 433 33.39 23.87 -31.35
C LYS B 433 34.50 24.57 -32.12
N GLY B 434 34.42 24.43 -33.43
CA GLY B 434 35.27 25.17 -34.36
C GLY B 434 36.68 24.67 -34.47
N LYS B 435 36.94 23.46 -33.97
CA LYS B 435 38.23 22.81 -34.15
C LYS B 435 38.05 21.49 -34.87
N ASP B 436 39.05 21.11 -35.65
CA ASP B 436 39.00 19.85 -36.41
C ASP B 436 40.11 18.94 -35.95
N TYR B 437 39.85 17.63 -35.98
CA TYR B 437 40.87 16.63 -35.63
C TYR B 437 40.67 15.47 -36.62
N SER B 438 41.71 15.12 -37.36
CA SER B 438 41.65 14.04 -38.33
C SER B 438 42.83 13.15 -38.15
N PHE B 439 42.62 11.85 -38.17
CA PHE B 439 43.73 10.90 -38.03
C PHE B 439 43.20 9.51 -38.22
N SER B 440 44.10 8.55 -38.30
CA SER B 440 43.70 7.17 -38.54
C SER B 440 44.22 6.32 -37.38
N SER B 441 43.46 5.32 -36.99
CA SER B 441 43.82 4.51 -35.84
C SER B 441 43.56 3.04 -36.02
N VAL B 442 44.32 2.24 -35.30
CA VAL B 442 44.08 0.79 -35.22
C VAL B 442 43.61 0.49 -33.79
N ARG B 443 42.47 -0.16 -33.67
CA ARG B 443 41.89 -0.55 -32.40
C ARG B 443 42.24 -2.00 -32.07
N VAL B 444 43.00 -2.19 -31.00
CA VAL B 444 43.49 -3.51 -30.59
C VAL B 444 42.78 -3.90 -29.30
N GLU B 445 42.06 -5.01 -29.35
CA GLU B 445 41.09 -5.35 -28.29
C GLU B 445 41.76 -5.83 -27.01
N THR B 446 42.96 -6.38 -27.14
CA THR B 446 43.72 -6.84 -25.96
C THR B 446 45.22 -6.85 -26.27
N PRO B 447 46.04 -6.55 -25.25
CA PRO B 447 47.49 -6.64 -25.46
C PRO B 447 48.00 -8.05 -25.80
N LEU B 448 47.22 -9.10 -25.50
CA LEU B 448 47.62 -10.48 -25.86
C LEU B 448 47.60 -10.75 -27.36
N LEU B 449 47.13 -9.80 -28.16
CA LEU B 449 47.21 -9.90 -29.61
C LEU B 449 48.54 -9.36 -30.14
N LEU B 450 49.26 -8.60 -29.29
CA LEU B 450 50.49 -7.93 -29.71
C LEU B 450 51.80 -8.72 -29.51
N VAL B 451 52.74 -8.49 -30.41
CA VAL B 451 54.12 -9.01 -30.30
C VAL B 451 55.05 -7.79 -30.22
N VAL B 452 55.66 -7.60 -29.05
CA VAL B 452 56.52 -6.46 -28.80
C VAL B 452 58.00 -6.91 -28.71
N ASN B 453 58.81 -6.42 -29.65
CA ASN B 453 60.19 -6.87 -29.84
C ASN B 453 60.25 -8.39 -29.97
N GLY B 454 59.40 -8.95 -30.83
CA GLY B 454 59.38 -10.39 -31.10
C GLY B 454 58.78 -11.25 -30.00
N LYS B 455 58.42 -10.66 -28.85
CA LYS B 455 57.95 -11.43 -27.71
C LYS B 455 56.42 -11.30 -27.54
N PRO B 456 55.71 -12.44 -27.47
CA PRO B 456 54.29 -12.34 -27.14
C PRO B 456 54.10 -11.75 -25.77
N GLN B 457 52.90 -11.27 -25.51
CA GLN B 457 52.60 -10.63 -24.24
C GLN B 457 52.03 -11.68 -23.32
N ASN B 458 52.50 -11.67 -22.08
CA ASN B 458 51.99 -12.59 -21.07
C ASN B 458 50.53 -12.27 -20.73
N SER B 459 49.80 -13.28 -20.31
CA SER B 459 48.37 -13.13 -20.06
C SER B 459 48.07 -12.15 -18.89
N SER B 460 49.08 -11.85 -18.07
CA SER B 460 48.88 -10.91 -16.95
C SER B 460 48.74 -9.45 -17.41
N SER B 461 49.09 -9.15 -18.66
CA SER B 461 48.92 -7.79 -19.22
C SER B 461 47.46 -7.42 -19.46
N GLN B 462 46.59 -8.43 -19.55
CA GLN B 462 45.19 -8.25 -19.83
C GLN B 462 44.40 -8.05 -18.53
N ALA B 463 43.57 -7.01 -18.49
CA ALA B 463 42.62 -6.80 -17.41
C ALA B 463 41.52 -7.82 -17.52
#